data_9H1B
#
_entry.id   9H1B
#
_cell.length_a   72.731
_cell.length_b   76.935
_cell.length_c   82.403
_cell.angle_alpha   88.810
_cell.angle_beta   64.371
_cell.angle_gamma   75.319
#
_symmetry.space_group_name_H-M   'P 1'
#
loop_
_entity.id
_entity.type
_entity.pdbx_description
1 polymer 'Angiotensin-converting enzyme, soluble form'
2 branched beta-D-mannopyranose-(1-4)-2-acetamido-2-deoxy-beta-D-glucopyranose-(1-4)-[alpha-L-fucopyranose-(1-6)]2-acetamido-2-deoxy-beta-D-glucopyranose
3 branched alpha-L-fucopyranose-(1-6)-2-acetamido-2-deoxy-beta-D-glucopyranose
4 branched 2-acetamido-2-deoxy-beta-D-glucopyranose-(1-4)-2-acetamido-2-deoxy-beta-D-glucopyranose
5 non-polymer 2-acetamido-2-deoxy-beta-D-glucopyranose
6 non-polymer 'TETRAETHYLENE GLYCOL'
7 non-polymer 'ACETIC ACID'
8 non-polymer 1,2-ETHANEDIOL
9 non-polymer 'TRIETHYLENE GLYCOL'
10 non-polymer 'ZINC ION'
11 non-polymer 'CHLORIDE ION'
12 non-polymer '(2~{S},5~{R})-5-(4-methylphenyl)-1-[2-[[(2~{S})-3-phenyl-2-sulfanyl-propanoyl]amino]ethanoyl]pyrrolidine-2-carboxylic acid'
13 non-polymer 'MAGNESIUM ION'
14 non-polymer DI(HYDROXYETHYL)ETHER
15 non-polymer 3,6,9,12,15,18,21-HEPTAOXATRICOSANE-1,23-DIOL
16 water water
#
_entity_poly.entity_id   1
_entity_poly.type   'polypeptide(L)'
_entity_poly.pdbx_seq_one_letter_code
;LDPGLQPGQFSADEAGAQLFAQSYQSSAEQVLFQSVAASWAHDTNITAENARRQEEAALLSQEFAEAWGQKAKELYEPIW
QQFTDPQLRRIIGAVRTLGSANLPLAKRQQYNALLSQMSRIYSTAKVCLPQKTATCWSLDPDLTNILASSRSYAMLLFAW
EGWHNAAGIPLKPLYEDFTALSNEAYKQDGFTDTGAYWRSWYNSPTFEDDLEHLYQQLEPLYLNLHAFVRRALHRRYGDR
YINLRGPIPAHLLGDMWAQSWENIYDMVVPFPDKPNLDVTSTMLQQGWQATHMFRVAEEFFTSLELSPMPPEFWEGSMLE
KPADGREVVCHASAWDFYNRKDFRIKQCTRVTMDQLSTVHHEMGHIQYYLQYKDLPVSLRRGANPGFHEAIGDVLALSVS
TPEHLHKIGLLDRVTNDTESDINYLLKMALEKIAFLPFGYLVDQWRWGVFSGRTPPSRYNFDWWYLRTKYQGICPPVTRN
ETHFDAGAKFHVPNVTPYIRYFVSFVLQFQFHEALCKEAGYEGPLHQCDIYRSTKAGAKLRKVLRAGSSRPWQEVLKDMV
GLDALDAQPLLKYFQLVTQWLQEQNQQNGEVLGWPEYQWHPPLPDNYPEGIDLVTDEAEASKFVEEYD
;
_entity_poly.pdbx_strand_id   A,B
#
# COMPACT_ATOMS: atom_id res chain seq x y z
N LEU A 1 7.63 43.60 4.26
CA LEU A 1 8.34 43.27 5.52
C LEU A 1 9.11 44.50 6.04
N ASP A 2 8.97 44.76 7.33
CA ASP A 2 9.72 45.83 7.96
C ASP A 2 11.19 45.78 7.56
N PRO A 3 11.80 46.91 7.19
CA PRO A 3 13.24 46.90 6.85
C PRO A 3 14.13 46.30 7.94
N GLY A 4 13.83 46.55 9.21
CA GLY A 4 14.61 45.98 10.29
C GLY A 4 14.61 44.47 10.32
N LEU A 5 13.64 43.84 9.66
CA LEU A 5 13.56 42.39 9.59
C LEU A 5 14.22 41.79 8.36
N GLN A 6 14.59 42.63 7.38
CA GLN A 6 15.16 42.12 6.14
C GLN A 6 16.66 41.88 6.30
N PRO A 7 17.21 40.91 5.58
CA PRO A 7 18.59 40.48 5.85
C PRO A 7 19.61 41.45 5.29
N GLY A 8 20.71 41.61 6.04
CA GLY A 8 21.81 42.47 5.61
C GLY A 8 22.77 41.72 4.70
N GLN A 9 23.97 42.26 4.60
CA GLN A 9 25.01 41.66 3.76
C GLN A 9 26.04 40.94 4.64
N PHE A 10 26.51 39.80 4.15
CA PHE A 10 27.41 38.93 4.89
C PHE A 10 28.36 38.29 3.89
N SER A 11 29.58 38.01 4.35
CA SER A 11 30.55 37.35 3.47
C SER A 11 30.09 35.93 3.15
N ALA A 12 30.46 35.46 1.95
CA ALA A 12 30.03 34.16 1.45
C ALA A 12 31.01 33.06 1.89
N ASP A 13 31.10 32.88 3.20
CA ASP A 13 31.99 31.88 3.79
C ASP A 13 31.42 31.50 5.15
N GLU A 14 32.07 30.54 5.80
CA GLU A 14 31.51 30.02 7.05
C GLU A 14 31.44 31.10 8.13
N ALA A 15 32.44 31.98 8.17
CA ALA A 15 32.45 33.05 9.18
C ALA A 15 31.28 34.00 8.98
N GLY A 16 31.06 34.44 7.74
CA GLY A 16 29.91 35.28 7.46
C GLY A 16 28.60 34.55 7.71
N ALA A 17 28.57 33.25 7.41
CA ALA A 17 27.37 32.47 7.68
C ALA A 17 27.07 32.42 9.18
N GLN A 18 28.11 32.38 10.02
CA GLN A 18 27.87 32.42 11.47
C GLN A 18 27.20 33.73 11.87
N LEU A 19 27.66 34.85 11.30
CA LEU A 19 27.02 36.13 11.55
C LEU A 19 25.62 36.17 10.96
N PHE A 20 25.46 35.61 9.75
CA PHE A 20 24.16 35.51 9.10
C PHE A 20 23.16 34.85 10.02
N ALA A 21 23.53 33.69 10.57
CA ALA A 21 22.63 32.94 11.42
C ALA A 21 22.21 33.76 12.65
N GLN A 22 23.15 34.50 13.24
CA GLN A 22 22.83 35.32 14.41
C GLN A 22 21.82 36.41 14.06
N SER A 23 22.06 37.13 12.97
CA SER A 23 21.10 38.14 12.54
C SER A 23 19.76 37.51 12.16
N TYR A 24 19.79 36.28 11.64
CA TYR A 24 18.52 35.60 11.32
C TYR A 24 17.72 35.33 12.58
N GLN A 25 18.34 34.68 13.56
CA GLN A 25 17.65 34.32 14.81
C GLN A 25 17.18 35.56 15.56
N SER A 26 17.93 36.66 15.47
CA SER A 26 17.52 37.90 16.12
C SER A 26 16.16 38.37 15.62
N SER A 27 16.01 38.49 14.30
CA SER A 27 14.75 38.98 13.73
C SER A 27 13.67 37.92 13.75
N ALA A 28 14.04 36.66 13.65
CA ALA A 28 13.03 35.59 13.66
C ALA A 28 12.27 35.56 14.98
N GLU A 29 12.93 35.86 16.10
CA GLU A 29 12.23 35.88 17.39
C GLU A 29 11.02 36.80 17.35
N GLN A 30 11.15 37.94 16.69
CA GLN A 30 10.04 38.90 16.65
C GLN A 30 8.95 38.42 15.71
N VAL A 31 9.32 37.75 14.61
CA VAL A 31 8.33 37.28 13.66
C VAL A 31 7.58 36.08 14.24
N LEU A 32 8.31 35.19 14.90
CA LEU A 32 7.66 34.01 15.48
C LEU A 32 6.68 34.44 16.57
N PHE A 33 7.04 35.42 17.37
CA PHE A 33 6.17 35.84 18.48
C PHE A 33 4.86 36.44 17.96
N GLN A 34 4.91 37.26 16.91
CA GLN A 34 3.66 37.83 16.40
C GLN A 34 2.78 36.75 15.80
N SER A 35 3.38 35.72 15.19
CA SER A 35 2.59 34.61 14.66
C SER A 35 1.97 33.79 15.80
N VAL A 36 2.79 33.39 16.77
CA VAL A 36 2.26 32.55 17.85
C VAL A 36 1.19 33.33 18.61
N ALA A 37 1.48 34.60 18.91
CA ALA A 37 0.50 35.44 19.61
C ALA A 37 -0.83 35.50 18.85
N ALA A 38 -0.78 35.70 17.54
CA ALA A 38 -2.02 35.77 16.75
C ALA A 38 -2.74 34.43 16.70
N SER A 39 -1.99 33.33 16.55
CA SER A 39 -2.61 32.01 16.62
C SER A 39 -3.25 31.78 17.99
N TRP A 40 -2.61 32.25 19.05
CA TRP A 40 -3.18 32.06 20.39
C TRP A 40 -4.49 32.80 20.52
N ALA A 41 -4.53 34.06 20.06
CA ALA A 41 -5.75 34.85 20.14
C ALA A 41 -6.90 34.19 19.39
N HIS A 42 -6.60 33.49 18.31
CA HIS A 42 -7.64 32.78 17.53
C HIS A 42 -8.06 31.49 18.23
N ASP A 43 -7.09 30.68 18.64
CA ASP A 43 -7.44 29.35 19.17
C ASP A 43 -8.18 29.45 20.52
N THR A 44 -7.97 30.53 21.27
CA THR A 44 -8.69 30.71 22.52
C THR A 44 -9.93 31.58 22.34
N ASN A 45 -10.35 31.82 21.10
CA ASN A 45 -11.40 32.79 20.80
C ASN A 45 -11.59 32.79 19.28
N ILE A 46 -12.30 31.79 18.76
CA ILE A 46 -12.46 31.59 17.33
C ILE A 46 -13.47 32.60 16.79
N THR A 47 -13.01 33.55 15.98
CA THR A 47 -13.87 34.49 15.29
C THR A 47 -13.26 34.80 13.93
N ALA A 48 -14.03 35.48 13.10
CA ALA A 48 -13.56 35.86 11.78
C ALA A 48 -12.40 36.84 11.86
N GLU A 49 -12.48 37.82 12.77
CA GLU A 49 -11.41 38.81 12.86
C GLU A 49 -10.12 38.19 13.37
N ASN A 50 -10.21 37.33 14.39
CA ASN A 50 -9.00 36.68 14.87
C ASN A 50 -8.41 35.78 13.81
N ALA A 51 -9.25 35.13 13.01
CA ALA A 51 -8.75 34.39 11.84
C ALA A 51 -8.09 35.34 10.84
N ARG A 52 -8.70 36.50 10.60
CA ARG A 52 -8.10 37.49 9.73
C ARG A 52 -6.74 37.93 10.25
N ARG A 53 -6.63 38.17 11.56
CA ARG A 53 -5.36 38.60 12.13
C ARG A 53 -4.33 37.50 12.06
N GLN A 54 -4.74 36.26 12.29
CA GLN A 54 -3.80 35.16 12.24
C GLN A 54 -3.25 34.99 10.84
N GLU A 55 -4.09 35.18 9.82
CA GLU A 55 -3.63 35.09 8.44
C GLU A 55 -2.71 36.25 8.06
N GLU A 56 -2.98 37.46 8.59
CA GLU A 56 -2.04 38.56 8.41
C GLU A 56 -0.66 38.18 8.93
N ALA A 57 -0.60 37.56 10.13
CA ALA A 57 0.68 37.20 10.71
C ALA A 57 1.36 36.09 9.94
N ALA A 58 0.59 35.15 9.38
CA ALA A 58 1.20 34.07 8.60
C ALA A 58 1.84 34.62 7.33
N LEU A 59 1.19 35.59 6.68
CA LEU A 59 1.78 36.22 5.50
C LEU A 59 3.10 36.93 5.81
N LEU A 60 3.14 37.68 6.91
CA LEU A 60 4.37 38.31 7.33
C LEU A 60 5.46 37.26 7.59
N SER A 61 5.09 36.13 8.21
N SER A 61 5.09 36.13 8.21
CA SER A 61 6.09 35.08 8.44
CA SER A 61 6.08 35.08 8.45
C SER A 61 6.62 34.54 7.13
C SER A 61 6.61 34.53 7.14
N GLN A 62 5.75 34.41 6.13
CA GLN A 62 6.20 33.89 4.84
C GLN A 62 7.09 34.90 4.12
N GLU A 63 6.77 36.17 4.20
CA GLU A 63 7.66 37.19 3.62
C GLU A 63 9.05 37.11 4.25
N PHE A 64 9.10 37.00 5.58
CA PHE A 64 10.35 36.87 6.29
C PHE A 64 11.11 35.62 5.85
N ALA A 65 10.44 34.47 5.81
CA ALA A 65 11.11 33.24 5.39
C ALA A 65 11.61 33.34 3.96
N GLU A 66 10.82 33.98 3.09
CA GLU A 66 11.26 34.16 1.71
C GLU A 66 12.55 34.99 1.64
N ALA A 67 12.56 36.14 2.32
CA ALA A 67 13.71 37.03 2.25
C ALA A 67 14.97 36.33 2.78
N TRP A 68 14.86 35.67 3.93
CA TRP A 68 16.04 35.06 4.52
C TRP A 68 16.42 33.75 3.84
N GLY A 69 15.44 33.00 3.31
CA GLY A 69 15.79 31.81 2.55
C GLY A 69 16.48 32.13 1.25
N GLN A 70 15.99 33.14 0.53
CA GLN A 70 16.64 33.56 -0.70
C GLN A 70 18.06 34.05 -0.45
N LYS A 71 18.26 34.80 0.63
CA LYS A 71 19.60 35.30 0.92
C LYS A 71 20.54 34.14 1.24
N ALA A 72 20.05 33.14 1.96
CA ALA A 72 20.90 32.01 2.33
C ALA A 72 21.34 31.23 1.09
N LYS A 73 20.46 31.11 0.11
CA LYS A 73 20.84 30.43 -1.12
C LYS A 73 21.77 31.29 -1.96
N GLU A 74 21.53 32.59 -2.01
CA GLU A 74 22.43 33.48 -2.74
C GLU A 74 23.86 33.38 -2.22
N LEU A 75 24.01 33.27 -0.89
CA LEU A 75 25.33 33.36 -0.27
C LEU A 75 25.99 31.99 -0.08
N TYR A 76 25.22 30.97 0.30
CA TYR A 76 25.82 29.75 0.84
C TYR A 76 25.40 28.46 0.15
N GLU A 77 24.50 28.51 -0.83
CA GLU A 77 24.01 27.27 -1.45
C GLU A 77 25.15 26.37 -1.90
N PRO A 78 26.25 26.85 -2.48
CA PRO A 78 27.32 25.95 -2.90
C PRO A 78 28.20 25.43 -1.77
N ILE A 79 28.24 26.10 -0.62
CA ILE A 79 29.31 25.89 0.34
C ILE A 79 28.81 25.44 1.72
N TRP A 80 27.53 25.59 2.05
CA TRP A 80 27.13 25.38 3.44
C TRP A 80 27.22 23.91 3.85
N GLN A 81 27.11 22.99 2.89
CA GLN A 81 27.21 21.57 3.23
C GLN A 81 28.63 21.16 3.61
N GLN A 82 29.64 21.99 3.36
CA GLN A 82 31.01 21.70 3.73
C GLN A 82 31.49 22.51 4.92
N PHE A 83 30.62 23.31 5.55
CA PHE A 83 30.99 24.03 6.76
C PHE A 83 31.42 23.05 7.85
N THR A 84 32.39 23.47 8.66
CA THR A 84 32.91 22.60 9.71
C THR A 84 32.00 22.56 10.94
N ASP A 85 31.24 23.62 11.20
CA ASP A 85 30.33 23.66 12.34
C ASP A 85 29.06 22.88 12.02
N PRO A 86 28.83 21.73 12.66
CA PRO A 86 27.60 20.99 12.35
C PRO A 86 26.33 21.73 12.75
N GLN A 87 26.35 22.48 13.85
CA GLN A 87 25.16 23.22 14.26
C GLN A 87 24.84 24.32 13.27
N LEU A 88 25.87 24.98 12.73
CA LEU A 88 25.64 25.98 11.68
C LEU A 88 25.03 25.34 10.43
N ARG A 89 25.55 24.18 10.04
CA ARG A 89 25.00 23.47 8.89
C ARG A 89 23.51 23.17 9.09
N ARG A 90 23.13 22.79 10.30
CA ARG A 90 21.71 22.54 10.58
C ARG A 90 20.89 23.81 10.49
N ILE A 91 21.44 24.94 10.98
CA ILE A 91 20.70 26.19 10.92
C ILE A 91 20.50 26.61 9.47
N ILE A 92 21.58 26.60 8.68
CA ILE A 92 21.51 27.08 7.31
C ILE A 92 20.58 26.20 6.48
N GLY A 93 20.70 24.87 6.63
CA GLY A 93 19.80 23.99 5.92
C GLY A 93 18.34 24.30 6.19
N ALA A 94 18.02 24.69 7.43
CA ALA A 94 16.64 25.04 7.77
C ALA A 94 16.22 26.32 7.07
N VAL A 95 17.04 27.37 7.16
CA VAL A 95 16.64 28.66 6.63
C VAL A 95 16.38 28.58 5.13
N ARG A 96 17.15 27.76 4.42
CA ARG A 96 16.99 27.64 2.98
C ARG A 96 15.78 26.79 2.58
N THR A 97 15.08 26.20 3.55
CA THR A 97 13.81 25.50 3.30
C THR A 97 12.67 26.48 3.54
N LEU A 98 12.01 26.91 2.46
CA LEU A 98 11.04 27.99 2.54
C LEU A 98 9.61 27.52 2.77
N GLY A 99 9.31 26.26 2.45
CA GLY A 99 7.96 25.76 2.68
C GLY A 99 6.93 26.62 1.96
N SER A 100 5.87 26.98 2.68
CA SER A 100 4.79 27.73 2.06
C SER A 100 5.27 29.09 1.52
N ALA A 101 6.45 29.56 1.95
CA ALA A 101 6.97 30.81 1.39
C ALA A 101 7.40 30.65 -0.06
N ASN A 102 7.53 29.42 -0.55
CA ASN A 102 7.77 29.20 -1.97
C ASN A 102 6.55 29.54 -2.82
N LEU A 103 5.37 29.70 -2.18
CA LEU A 103 4.16 29.94 -2.96
C LEU A 103 4.09 31.40 -3.42
N PRO A 104 3.49 31.64 -4.58
CA PRO A 104 3.15 33.03 -4.94
C PRO A 104 2.21 33.61 -3.88
N LEU A 105 2.13 34.94 -3.86
CA LEU A 105 1.37 35.63 -2.83
C LEU A 105 -0.09 35.17 -2.79
N ALA A 106 -0.71 35.03 -3.97
CA ALA A 106 -2.13 34.63 -4.00
C ALA A 106 -2.33 33.27 -3.36
N LYS A 107 -1.47 32.32 -3.69
CA LYS A 107 -1.61 30.98 -3.12
C LYS A 107 -1.20 30.94 -1.66
N ARG A 108 -0.34 31.86 -1.22
CA ARG A 108 -0.07 31.97 0.21
C ARG A 108 -1.34 32.32 0.98
N GLN A 109 -2.08 33.31 0.47
CA GLN A 109 -3.35 33.69 1.10
C GLN A 109 -4.33 32.53 1.08
N GLN A 110 -4.42 31.81 -0.04
CA GLN A 110 -5.32 30.67 -0.13
C GLN A 110 -4.92 29.60 0.89
N TYR A 111 -3.63 29.30 0.98
CA TYR A 111 -3.11 28.31 1.93
C TYR A 111 -3.44 28.70 3.37
N ASN A 112 -3.19 29.98 3.73
CA ASN A 112 -3.43 30.42 5.09
C ASN A 112 -4.92 30.37 5.44
N ALA A 113 -5.77 30.72 4.49
CA ALA A 113 -7.22 30.70 4.74
C ALA A 113 -7.74 29.27 4.87
N LEU A 114 -7.21 28.33 4.09
CA LEU A 114 -7.64 26.94 4.25
C LEU A 114 -7.34 26.44 5.65
N LEU A 115 -6.19 26.83 6.21
CA LEU A 115 -5.86 26.40 7.56
C LEU A 115 -6.84 26.99 8.57
N SER A 116 -7.17 28.27 8.43
CA SER A 116 -8.12 28.88 9.34
C SER A 116 -9.48 28.19 9.26
N GLN A 117 -9.94 27.89 8.06
CA GLN A 117 -11.29 27.35 7.88
C GLN A 117 -11.37 25.89 8.31
N MET A 118 -10.36 25.08 8.02
CA MET A 118 -10.36 23.71 8.51
C MET A 118 -10.36 23.68 10.03
N SER A 119 -9.60 24.58 10.66
CA SER A 119 -9.57 24.63 12.12
C SER A 119 -10.93 24.99 12.68
N ARG A 120 -11.57 26.02 12.11
CA ARG A 120 -12.90 26.43 12.58
C ARG A 120 -13.91 25.28 12.46
N ILE A 121 -13.91 24.60 11.33
CA ILE A 121 -14.87 23.51 11.11
C ILE A 121 -14.70 22.44 12.18
N TYR A 122 -13.48 21.98 12.39
CA TYR A 122 -13.24 20.90 13.34
C TYR A 122 -13.67 21.30 14.75
N SER A 123 -13.24 22.46 15.23
N SER A 123 -13.27 22.49 15.20
CA SER A 123 -13.40 22.82 16.63
CA SER A 123 -13.40 22.82 16.62
C SER A 123 -14.74 23.47 16.94
C SER A 123 -14.74 23.45 16.94
N THR A 124 -15.57 23.74 15.93
CA THR A 124 -16.91 24.27 16.15
C THR A 124 -18.00 23.30 15.72
N ALA A 125 -17.64 22.13 15.19
CA ALA A 125 -18.65 21.18 14.75
C ALA A 125 -19.44 20.64 15.94
N LYS A 126 -20.75 20.46 15.74
CA LYS A 126 -21.64 20.02 16.81
C LYS A 126 -22.50 18.86 16.30
N VAL A 127 -22.94 18.02 17.24
CA VAL A 127 -23.92 16.97 16.97
C VAL A 127 -25.22 17.38 17.65
N CYS A 128 -26.26 17.62 16.85
CA CYS A 128 -27.52 18.16 17.36
C CYS A 128 -28.61 17.09 17.39
N LEU A 129 -29.75 17.48 17.95
CA LEU A 129 -30.94 16.61 18.06
C LEU A 129 -30.70 15.46 19.01
N THR A 135 -30.91 21.25 21.53
CA THR A 135 -29.58 21.23 22.11
C THR A 135 -28.57 20.57 21.15
N CYS A 136 -27.28 20.85 21.36
CA CYS A 136 -26.24 20.34 20.47
C CYS A 136 -24.99 19.99 21.28
N TRP A 137 -24.42 18.84 20.96
CA TRP A 137 -23.26 18.35 21.69
C TRP A 137 -21.96 18.74 21.01
N SER A 138 -20.98 19.15 21.80
CA SER A 138 -19.64 19.37 21.33
C SER A 138 -18.79 18.13 21.58
N LEU A 139 -17.70 18.02 20.81
CA LEU A 139 -16.77 16.92 21.02
C LEU A 139 -16.25 16.89 22.45
N ASP A 140 -15.80 18.02 22.94
CA ASP A 140 -15.20 18.15 24.26
C ASP A 140 -16.02 19.16 25.04
N PRO A 141 -16.71 18.77 26.14
CA PRO A 141 -16.71 17.47 26.80
C PRO A 141 -17.75 16.46 26.36
N ASP A 142 -18.79 16.87 25.63
CA ASP A 142 -20.03 16.09 25.59
C ASP A 142 -19.82 14.73 24.93
N LEU A 143 -19.36 14.72 23.67
CA LEU A 143 -19.21 13.46 22.96
C LEU A 143 -18.04 12.64 23.53
N THR A 144 -17.01 13.31 24.02
CA THR A 144 -15.94 12.60 24.71
C THR A 144 -16.49 11.82 25.91
N ASN A 145 -17.35 12.45 26.70
CA ASN A 145 -17.88 11.77 27.87
C ASN A 145 -18.83 10.64 27.46
N ILE A 146 -19.61 10.83 26.40
CA ILE A 146 -20.47 9.75 25.91
C ILE A 146 -19.62 8.54 25.50
N LEU A 147 -18.61 8.77 24.65
CA LEU A 147 -17.76 7.68 24.18
C LEU A 147 -17.05 6.99 25.34
N ALA A 148 -16.70 7.73 26.40
CA ALA A 148 -15.94 7.14 27.51
C ALA A 148 -16.80 6.32 28.45
N SER A 149 -18.08 6.68 28.62
CA SER A 149 -18.87 6.17 29.74
C SER A 149 -20.17 5.48 29.34
N SER A 150 -20.73 5.80 28.19
CA SER A 150 -21.95 5.13 27.78
C SER A 150 -21.64 3.68 27.40
N ARG A 151 -22.51 2.78 27.83
CA ARG A 151 -22.47 1.38 27.38
C ARG A 151 -23.74 1.04 26.61
N SER A 152 -24.33 2.04 25.99
CA SER A 152 -25.48 1.84 25.12
C SER A 152 -24.99 1.85 23.67
N TYR A 153 -25.10 0.71 23.00
CA TYR A 153 -24.62 0.61 21.63
C TYR A 153 -25.19 1.73 20.78
N ALA A 154 -26.50 1.98 20.89
CA ALA A 154 -27.14 2.94 20.00
C ALA A 154 -26.71 4.37 20.30
N MET A 155 -26.56 4.70 21.60
CA MET A 155 -26.09 6.02 21.98
C MET A 155 -24.65 6.24 21.51
N LEU A 156 -23.79 5.27 21.76
CA LEU A 156 -22.41 5.36 21.26
C LEU A 156 -22.39 5.52 19.74
N LEU A 157 -23.28 4.81 19.05
CA LEU A 157 -23.33 4.92 17.61
C LEU A 157 -23.74 6.31 17.17
N PHE A 158 -24.82 6.84 17.75
CA PHE A 158 -25.27 8.17 17.38
C PHE A 158 -24.17 9.20 17.56
N ALA A 159 -23.38 9.06 18.63
CA ALA A 159 -22.30 10.00 18.88
C ALA A 159 -21.18 9.84 17.87
N TRP A 160 -20.82 8.59 17.56
CA TRP A 160 -19.74 8.30 16.62
C TRP A 160 -20.11 8.74 15.21
N GLU A 161 -21.29 8.34 14.73
CA GLU A 161 -21.72 8.72 13.39
C GLU A 161 -21.94 10.22 13.31
N GLY A 162 -22.61 10.78 14.32
CA GLY A 162 -22.84 12.22 14.34
C GLY A 162 -21.56 13.01 14.23
N TRP A 163 -20.55 12.62 15.00
CA TRP A 163 -19.31 13.39 14.99
C TRP A 163 -18.59 13.23 13.67
N HIS A 164 -18.47 12.00 13.17
CA HIS A 164 -17.69 11.79 11.96
C HIS A 164 -18.35 12.46 10.76
N ASN A 165 -19.68 12.46 10.73
CA ASN A 165 -20.40 13.14 9.64
C ASN A 165 -20.29 14.66 9.78
N ALA A 166 -20.40 15.19 11.00
CA ALA A 166 -20.42 16.63 11.20
C ALA A 166 -19.07 17.26 10.92
N ALA A 167 -17.99 16.56 11.25
CA ALA A 167 -16.66 17.11 11.08
C ALA A 167 -16.06 16.78 9.72
N GLY A 168 -16.15 15.51 9.31
CA GLY A 168 -15.41 15.05 8.16
C GLY A 168 -15.97 15.56 6.85
N ILE A 169 -17.30 15.50 6.68
CA ILE A 169 -17.88 15.79 5.37
C ILE A 169 -17.55 17.21 4.90
N PRO A 170 -17.78 18.27 5.68
CA PRO A 170 -17.45 19.62 5.20
C PRO A 170 -15.96 19.87 5.02
N LEU A 171 -15.10 19.05 5.65
CA LEU A 171 -13.68 19.29 5.54
C LEU A 171 -13.10 18.82 4.23
N LYS A 172 -13.72 17.83 3.59
CA LYS A 172 -13.06 17.15 2.49
C LYS A 172 -12.67 18.08 1.35
N PRO A 173 -13.55 18.92 0.81
CA PRO A 173 -13.11 19.79 -0.30
C PRO A 173 -11.97 20.72 0.11
N LEU A 174 -11.96 21.19 1.35
CA LEU A 174 -10.87 22.04 1.81
C LEU A 174 -9.57 21.26 1.91
N TYR A 175 -9.64 20.02 2.40
CA TYR A 175 -8.42 19.26 2.59
C TYR A 175 -7.76 18.93 1.26
N GLU A 176 -8.56 18.67 0.22
CA GLU A 176 -8.01 18.44 -1.11
C GLU A 176 -7.22 19.67 -1.58
N ASP A 177 -7.79 20.86 -1.41
CA ASP A 177 -7.09 22.07 -1.84
C ASP A 177 -5.83 22.29 -1.02
N PHE A 178 -5.90 22.04 0.29
CA PHE A 178 -4.72 22.22 1.13
C PHE A 178 -3.60 21.29 0.68
N THR A 179 -3.94 20.02 0.42
CA THR A 179 -2.93 19.05 0.02
C THR A 179 -2.20 19.51 -1.23
N ALA A 180 -2.96 20.01 -2.22
CA ALA A 180 -2.35 20.42 -3.46
C ALA A 180 -1.38 21.59 -3.24
N LEU A 181 -1.79 22.57 -2.42
CA LEU A 181 -0.94 23.75 -2.20
C LEU A 181 0.29 23.41 -1.38
N SER A 182 0.11 22.56 -0.36
CA SER A 182 1.25 22.16 0.46
C SER A 182 2.30 21.47 -0.40
N ASN A 183 1.87 20.55 -1.28
CA ASN A 183 2.81 19.86 -2.16
C ASN A 183 3.52 20.81 -3.09
N GLU A 184 2.78 21.72 -3.73
CA GLU A 184 3.40 22.70 -4.61
C GLU A 184 4.50 23.49 -3.89
N ALA A 185 4.25 23.83 -2.63
CA ALA A 185 5.21 24.59 -1.84
C ALA A 185 6.50 23.80 -1.63
N TYR A 186 6.38 22.58 -1.07
CA TYR A 186 7.59 21.87 -0.68
C TYR A 186 8.32 21.25 -1.86
N LYS A 187 7.65 21.05 -2.99
CA LYS A 187 8.37 20.60 -4.18
C LYS A 187 9.44 21.61 -4.60
N GLN A 188 9.21 22.88 -4.36
CA GLN A 188 10.20 23.89 -4.68
C GLN A 188 11.35 23.93 -3.69
N ASP A 189 11.28 23.18 -2.60
CA ASP A 189 12.43 22.97 -1.74
C ASP A 189 13.19 21.69 -2.09
N GLY A 190 12.73 20.95 -3.10
CA GLY A 190 13.40 19.72 -3.51
C GLY A 190 12.79 18.45 -2.97
N PHE A 191 11.68 18.54 -2.26
CA PHE A 191 11.01 17.36 -1.72
C PHE A 191 10.00 16.84 -2.73
N THR A 192 9.91 15.53 -2.85
CA THR A 192 8.96 14.95 -3.79
C THR A 192 7.53 15.28 -3.39
N ASP A 193 7.28 15.39 -2.09
CA ASP A 193 5.98 15.83 -1.59
C ASP A 193 6.12 16.24 -0.13
N THR A 194 5.04 16.78 0.41
CA THR A 194 5.07 17.27 1.79
C THR A 194 5.45 16.18 2.77
N GLY A 195 4.99 14.94 2.53
CA GLY A 195 5.29 13.88 3.46
C GLY A 195 6.78 13.60 3.54
N ALA A 196 7.47 13.70 2.40
CA ALA A 196 8.92 13.51 2.39
C ALA A 196 9.60 14.58 3.22
N TYR A 197 9.05 15.78 3.27
CA TYR A 197 9.61 16.82 4.13
C TYR A 197 9.40 16.47 5.59
N TRP A 198 8.19 16.03 5.94
CA TRP A 198 7.89 15.62 7.31
C TRP A 198 8.82 14.50 7.74
N ARG A 199 9.03 13.50 6.90
CA ARG A 199 9.88 12.39 7.27
C ARG A 199 11.35 12.83 7.40
N SER A 200 11.75 13.85 6.64
CA SER A 200 13.13 14.31 6.70
C SER A 200 13.53 14.79 8.10
N TRP A 201 12.57 15.17 8.93
CA TRP A 201 12.88 15.61 10.28
C TRP A 201 13.62 14.56 11.10
N TYR A 202 13.49 13.29 10.75
CA TYR A 202 14.15 12.22 11.51
C TYR A 202 15.53 11.89 11.00
N ASN A 203 16.00 12.53 9.93
N ASN A 203 15.99 12.51 9.92
CA ASN A 203 17.35 12.37 9.41
CA ASN A 203 17.35 12.38 9.41
C ASN A 203 17.79 10.91 9.44
C ASN A 203 17.80 10.91 9.43
N SER A 204 16.95 10.04 8.88
CA SER A 204 17.20 8.61 8.84
C SER A 204 16.90 8.12 7.44
N PRO A 205 17.87 7.56 6.71
CA PRO A 205 17.56 7.09 5.36
C PRO A 205 16.60 5.92 5.34
N THR A 206 16.54 5.13 6.41
CA THR A 206 15.67 3.96 6.48
C THR A 206 14.56 4.14 7.51
N PHE A 207 14.07 5.37 7.68
CA PHE A 207 13.03 5.67 8.66
C PHE A 207 11.84 4.72 8.53
N GLU A 208 11.26 4.64 7.33
CA GLU A 208 10.02 3.88 7.17
C GLU A 208 10.23 2.39 7.43
N ASP A 209 11.36 1.84 6.95
CA ASP A 209 11.71 0.46 7.27
C ASP A 209 11.93 0.26 8.76
N ASP A 210 12.63 1.19 9.41
CA ASP A 210 12.86 1.10 10.84
C ASP A 210 11.55 1.10 11.62
N LEU A 211 10.60 1.94 11.21
CA LEU A 211 9.29 1.94 11.86
C LEU A 211 8.58 0.60 11.64
N GLU A 212 8.61 0.10 10.41
CA GLU A 212 7.94 -1.16 10.11
C GLU A 212 8.51 -2.29 10.97
N HIS A 213 9.83 -2.29 11.14
CA HIS A 213 10.45 -3.33 11.97
C HIS A 213 10.06 -3.18 13.42
N LEU A 214 9.91 -1.94 13.91
CA LEU A 214 9.43 -1.76 15.27
C LEU A 214 8.02 -2.32 15.41
N TYR A 215 7.12 -1.94 14.50
CA TYR A 215 5.74 -2.41 14.62
C TYR A 215 5.65 -3.94 14.54
N GLN A 216 6.54 -4.57 13.77
CA GLN A 216 6.53 -6.03 13.70
C GLN A 216 6.78 -6.66 15.08
N GLN A 217 7.59 -6.02 15.91
CA GLN A 217 7.87 -6.54 17.23
C GLN A 217 6.72 -6.28 18.20
N LEU A 218 5.94 -5.25 17.95
CA LEU A 218 4.87 -4.84 18.82
C LEU A 218 3.53 -5.43 18.45
N GLU A 219 3.35 -5.87 17.19
CA GLU A 219 2.03 -6.31 16.76
C GLU A 219 1.50 -7.51 17.55
N PRO A 220 2.32 -8.50 17.95
CA PRO A 220 1.76 -9.58 18.76
C PRO A 220 1.11 -9.09 20.03
N LEU A 221 1.68 -8.06 20.66
CA LEU A 221 1.11 -7.51 21.88
C LEU A 221 -0.25 -6.91 21.62
N TYR A 222 -0.38 -6.13 20.52
CA TYR A 222 -1.67 -5.56 20.20
C TYR A 222 -2.69 -6.64 19.83
N LEU A 223 -2.28 -7.65 19.07
CA LEU A 223 -3.23 -8.69 18.66
C LEU A 223 -3.82 -9.40 19.88
N ASN A 224 -3.01 -9.64 20.90
CA ASN A 224 -3.54 -10.34 22.09
C ASN A 224 -4.41 -9.43 22.93
N LEU A 225 -4.05 -8.15 23.06
CA LEU A 225 -4.92 -7.22 23.75
C LEU A 225 -6.25 -7.12 23.05
N HIS A 226 -6.21 -6.92 21.72
CA HIS A 226 -7.40 -6.85 20.88
C HIS A 226 -8.33 -8.05 21.09
N ALA A 227 -7.80 -9.25 21.00
CA ALA A 227 -8.66 -10.43 21.12
C ALA A 227 -9.26 -10.54 22.52
N PHE A 228 -8.46 -10.20 23.54
CA PHE A 228 -8.97 -10.23 24.93
C PHE A 228 -10.10 -9.23 25.12
N VAL A 229 -9.94 -8.02 24.59
CA VAL A 229 -10.96 -6.99 24.73
C VAL A 229 -12.19 -7.32 23.89
N ARG A 230 -11.99 -7.82 22.67
CA ARG A 230 -13.13 -8.26 21.86
C ARG A 230 -14.00 -9.28 22.61
N ARG A 231 -13.37 -10.15 23.37
CA ARG A 231 -14.14 -11.16 24.11
C ARG A 231 -15.03 -10.50 25.16
N ALA A 232 -14.50 -9.48 25.85
CA ALA A 232 -15.32 -8.75 26.82
C ALA A 232 -16.48 -8.01 26.15
N LEU A 233 -16.21 -7.40 24.99
CA LEU A 233 -17.28 -6.69 24.30
C LEU A 233 -18.36 -7.64 23.84
N HIS A 234 -17.98 -8.85 23.42
CA HIS A 234 -18.96 -9.83 22.97
C HIS A 234 -19.97 -10.15 24.07
N ARG A 235 -19.47 -10.27 25.28
CA ARG A 235 -20.35 -10.58 26.41
C ARG A 235 -21.27 -9.43 26.75
N ARG A 236 -20.85 -8.19 26.52
N ARG A 236 -20.85 -8.19 26.52
CA ARG A 236 -21.67 -7.04 26.87
CA ARG A 236 -21.68 -7.05 26.86
C ARG A 236 -22.74 -6.77 25.81
C ARG A 236 -22.74 -6.80 25.80
N TYR A 237 -22.36 -6.84 24.52
CA TYR A 237 -23.25 -6.44 23.44
C TYR A 237 -23.86 -7.59 22.67
N GLY A 238 -23.23 -8.75 22.66
CA GLY A 238 -23.83 -9.93 22.06
C GLY A 238 -23.26 -10.26 20.70
N ASP A 239 -23.66 -11.44 20.22
CA ASP A 239 -23.19 -11.94 18.93
C ASP A 239 -23.70 -11.09 17.77
N ARG A 240 -24.80 -10.37 17.97
CA ARG A 240 -25.32 -9.52 16.90
C ARG A 240 -24.38 -8.37 16.58
N TYR A 241 -23.67 -7.86 17.58
CA TYR A 241 -22.84 -6.66 17.39
C TYR A 241 -21.35 -6.92 17.51
N ILE A 242 -20.93 -8.11 17.92
CA ILE A 242 -19.51 -8.44 18.03
C ILE A 242 -19.25 -9.75 17.30
N ASN A 243 -18.24 -9.76 16.43
CA ASN A 243 -17.81 -10.93 15.68
C ASN A 243 -16.47 -11.38 16.26
N LEU A 244 -16.46 -12.53 16.94
CA LEU A 244 -15.25 -12.99 17.60
C LEU A 244 -14.10 -13.29 16.64
N ARG A 245 -14.37 -13.30 15.33
N ARG A 245 -14.35 -13.28 15.33
CA ARG A 245 -13.33 -13.49 14.32
CA ARG A 245 -13.29 -13.46 14.34
C ARG A 245 -13.27 -12.32 13.34
C ARG A 245 -13.17 -12.28 13.40
N GLY A 246 -13.83 -11.17 13.70
CA GLY A 246 -13.82 -10.01 12.83
C GLY A 246 -13.38 -8.74 13.55
N PRO A 247 -13.35 -7.62 12.83
CA PRO A 247 -12.93 -6.37 13.47
C PRO A 247 -13.94 -5.91 14.53
N ILE A 248 -13.43 -5.16 15.49
CA ILE A 248 -14.27 -4.59 16.56
C ILE A 248 -14.96 -3.34 16.01
N PRO A 249 -16.27 -3.16 16.22
CA PRO A 249 -16.91 -1.91 15.82
C PRO A 249 -16.24 -0.71 16.46
N ALA A 250 -16.00 0.34 15.64
CA ALA A 250 -15.05 1.38 16.02
C ALA A 250 -15.52 2.31 17.13
N HIS A 251 -16.76 2.19 17.60
CA HIS A 251 -17.30 3.10 18.59
C HIS A 251 -17.35 2.51 20.01
N LEU A 252 -16.80 1.30 20.20
CA LEU A 252 -17.04 0.56 21.44
C LEU A 252 -15.83 0.54 22.39
N LEU A 253 -14.77 1.22 22.06
CA LEU A 253 -13.50 1.11 22.80
C LEU A 253 -13.20 2.30 23.72
N GLY A 254 -14.17 3.16 23.97
CA GLY A 254 -14.08 4.19 24.99
C GLY A 254 -13.63 5.54 24.51
N ASP A 255 -13.42 5.69 23.21
CA ASP A 255 -12.72 6.82 22.61
C ASP A 255 -13.23 7.02 21.18
N MET A 256 -13.42 8.28 20.79
CA MET A 256 -14.02 8.56 19.48
C MET A 256 -13.23 7.92 18.33
N TRP A 257 -11.93 7.75 18.52
CA TRP A 257 -11.06 7.21 17.46
C TRP A 257 -10.56 5.83 17.80
N ALA A 258 -11.05 5.22 18.87
CA ALA A 258 -10.59 3.89 19.30
C ALA A 258 -9.08 3.88 19.49
N GLN A 259 -8.50 5.02 19.83
CA GLN A 259 -7.04 5.13 19.85
C GLN A 259 -6.43 4.80 21.19
N SER A 260 -7.20 4.92 22.26
CA SER A 260 -6.78 4.46 23.58
C SER A 260 -8.01 3.88 24.24
N TRP A 261 -7.82 2.75 24.94
CA TRP A 261 -8.95 1.98 25.44
C TRP A 261 -9.10 2.05 26.97
N GLU A 262 -8.42 3.01 27.63
CA GLU A 262 -8.47 3.03 29.09
C GLU A 262 -9.88 3.20 29.64
N ASN A 263 -10.77 3.86 28.87
CA ASN A 263 -12.13 4.10 29.37
C ASN A 263 -13.02 2.86 29.43
N ILE A 264 -12.65 1.76 28.80
CA ILE A 264 -13.39 0.51 29.01
C ILE A 264 -12.67 -0.42 29.99
N TYR A 265 -11.68 0.09 30.71
CA TYR A 265 -11.02 -0.71 31.74
C TYR A 265 -12.01 -1.37 32.68
N ASP A 266 -13.05 -0.64 33.08
CA ASP A 266 -14.02 -1.20 34.03
C ASP A 266 -14.86 -2.32 33.44
N MET A 267 -14.81 -2.54 32.13
CA MET A 267 -15.49 -3.68 31.50
C MET A 267 -14.57 -4.87 31.34
N VAL A 268 -13.25 -4.65 31.30
CA VAL A 268 -12.30 -5.72 31.01
C VAL A 268 -11.40 -6.04 32.18
N VAL A 269 -11.46 -5.26 33.26
CA VAL A 269 -10.64 -5.46 34.44
C VAL A 269 -10.90 -6.87 34.96
N PRO A 270 -9.89 -7.76 34.98
CA PRO A 270 -10.17 -9.16 35.36
C PRO A 270 -10.49 -9.36 36.85
N PHE A 271 -10.07 -8.44 37.71
CA PHE A 271 -10.22 -8.59 39.15
C PHE A 271 -10.86 -7.35 39.74
N PRO A 272 -12.15 -7.13 39.45
CA PRO A 272 -12.81 -5.88 39.90
C PRO A 272 -12.94 -5.78 41.41
N ASP A 273 -12.66 -6.86 42.14
CA ASP A 273 -12.66 -6.81 43.60
C ASP A 273 -11.50 -5.99 44.15
N LYS A 274 -10.39 -5.92 43.41
CA LYS A 274 -9.20 -5.21 43.84
C LYS A 274 -9.44 -3.70 43.74
N PRO A 275 -8.58 -2.90 44.36
CA PRO A 275 -8.82 -1.45 44.35
C PRO A 275 -8.91 -0.93 42.93
N ASN A 276 -9.80 0.03 42.73
CA ASN A 276 -10.01 0.61 41.40
C ASN A 276 -8.81 1.48 41.06
N LEU A 277 -8.04 1.07 40.04
CA LEU A 277 -6.87 1.82 39.61
C LEU A 277 -7.22 3.00 38.73
N ASP A 278 -8.49 3.18 38.37
CA ASP A 278 -8.97 4.42 37.75
C ASP A 278 -9.39 5.32 38.91
N VAL A 279 -8.54 6.30 39.22
CA VAL A 279 -8.73 7.09 40.42
C VAL A 279 -9.65 8.27 40.14
N THR A 280 -10.28 8.29 38.96
CA THR A 280 -11.15 9.42 38.63
C THR A 280 -12.18 9.66 39.72
N SER A 281 -12.85 8.59 40.19
CA SER A 281 -13.87 8.74 41.22
C SER A 281 -13.30 9.43 42.45
N THR A 282 -12.08 9.07 42.83
CA THR A 282 -11.44 9.67 44.01
C THR A 282 -11.07 11.12 43.77
N MET A 283 -10.55 11.44 42.56
CA MET A 283 -10.27 12.83 42.23
C MET A 283 -11.52 13.70 42.42
N LEU A 284 -12.66 13.24 41.91
CA LEU A 284 -13.89 13.99 42.07
C LEU A 284 -14.33 14.04 43.53
N GLN A 285 -14.32 12.89 44.22
CA GLN A 285 -14.69 12.86 45.63
C GLN A 285 -13.85 13.83 46.44
N GLN A 286 -12.58 14.01 46.07
CA GLN A 286 -11.67 14.88 46.81
C GLN A 286 -11.71 16.33 46.37
N GLY A 287 -12.42 16.63 45.29
CA GLY A 287 -12.58 18.01 44.86
C GLY A 287 -11.47 18.53 43.98
N TRP A 288 -10.79 17.67 43.24
CA TRP A 288 -9.74 18.13 42.36
C TRP A 288 -10.34 19.05 41.28
N GLN A 289 -9.60 20.07 40.92
CA GLN A 289 -9.93 20.96 39.82
C GLN A 289 -8.73 21.02 38.88
N ALA A 290 -8.93 21.66 37.72
CA ALA A 290 -7.85 21.77 36.75
C ALA A 290 -6.59 22.33 37.39
N THR A 291 -6.71 23.37 38.21
CA THR A 291 -5.51 24.00 38.77
C THR A 291 -4.73 23.00 39.66
N HIS A 292 -5.42 22.19 40.46
CA HIS A 292 -4.74 21.19 41.27
C HIS A 292 -3.96 20.23 40.40
N MET A 293 -4.55 19.83 39.26
CA MET A 293 -3.89 18.86 38.39
C MET A 293 -2.59 19.42 37.84
N PHE A 294 -2.62 20.69 37.39
CA PHE A 294 -1.41 21.29 36.86
C PHE A 294 -0.35 21.51 37.94
N ARG A 295 -0.77 21.86 39.16
CA ARG A 295 0.17 22.07 40.26
C ARG A 295 0.81 20.76 40.70
N VAL A 296 0.04 19.67 40.67
CA VAL A 296 0.61 18.37 41.02
C VAL A 296 1.59 17.91 39.97
N ALA A 297 1.27 18.11 38.68
CA ALA A 297 2.23 17.81 37.62
C ALA A 297 3.49 18.64 37.80
N GLU A 298 3.33 19.95 38.01
CA GLU A 298 4.48 20.82 38.21
C GLU A 298 5.39 20.30 39.32
N GLU A 299 4.80 19.87 40.43
CA GLU A 299 5.62 19.48 41.58
C GLU A 299 6.43 18.24 41.28
N PHE A 300 5.96 17.36 40.38
CA PHE A 300 6.78 16.23 39.94
C PHE A 300 8.03 16.73 39.23
N PHE A 301 7.86 17.71 38.33
CA PHE A 301 9.00 18.28 37.64
C PHE A 301 9.99 18.91 38.59
N THR A 302 9.49 19.71 39.56
CA THR A 302 10.41 20.36 40.50
C THR A 302 11.01 19.36 41.47
N SER A 303 10.32 18.23 41.72
CA SER A 303 10.93 17.18 42.54
C SER A 303 12.21 16.65 41.90
N LEU A 304 12.28 16.67 40.57
CA LEU A 304 13.46 16.30 39.81
C LEU A 304 14.46 17.45 39.69
N GLU A 305 14.21 18.56 40.35
CA GLU A 305 15.00 19.78 40.20
C GLU A 305 15.01 20.28 38.76
N LEU A 306 13.91 20.05 38.05
CA LEU A 306 13.62 20.78 36.83
C LEU A 306 12.84 22.05 37.21
N SER A 307 12.48 22.86 36.22
CA SER A 307 11.99 24.21 36.49
C SER A 307 10.50 24.19 36.84
N PRO A 308 10.08 25.08 37.73
CA PRO A 308 8.65 25.32 37.91
C PRO A 308 8.09 26.11 36.73
N MET A 309 6.76 26.16 36.65
CA MET A 309 6.12 26.98 35.64
C MET A 309 6.23 28.46 36.02
N PRO A 310 6.63 29.34 35.10
CA PRO A 310 6.83 30.76 35.45
C PRO A 310 5.50 31.46 35.66
N PRO A 311 5.51 32.64 36.29
CA PRO A 311 4.24 33.39 36.47
C PRO A 311 3.50 33.64 35.16
N GLU A 312 4.22 33.90 34.07
CA GLU A 312 3.57 34.10 32.77
C GLU A 312 2.75 32.89 32.34
N PHE A 313 3.16 31.68 32.75
CA PHE A 313 2.38 30.50 32.42
C PHE A 313 1.05 30.50 33.14
N TRP A 314 1.05 30.79 34.45
CA TRP A 314 -0.20 30.73 35.21
C TRP A 314 -1.13 31.86 34.82
N GLU A 315 -0.58 33.03 34.50
CA GLU A 315 -1.42 34.18 34.18
C GLU A 315 -2.01 34.10 32.78
N GLY A 316 -1.37 33.40 31.86
CA GLY A 316 -1.77 33.44 30.46
C GLY A 316 -2.42 32.19 29.94
N SER A 317 -2.21 31.06 30.61
CA SER A 317 -2.71 29.81 30.11
C SER A 317 -4.23 29.74 30.19
N MET A 318 -4.81 28.89 29.37
CA MET A 318 -6.23 28.56 29.40
C MET A 318 -6.34 27.11 29.85
N LEU A 319 -6.61 26.89 31.14
CA LEU A 319 -6.60 25.55 31.70
C LEU A 319 -7.98 24.93 31.83
N GLU A 320 -9.04 25.69 31.56
CA GLU A 320 -10.40 25.21 31.55
C GLU A 320 -11.12 25.75 30.32
N LYS A 321 -12.15 25.03 29.88
CA LYS A 321 -12.99 25.55 28.79
C LYS A 321 -13.73 26.79 29.28
N PRO A 322 -13.68 27.91 28.53
CA PRO A 322 -14.38 29.12 29.02
C PRO A 322 -15.88 28.91 29.07
N ALA A 323 -16.50 29.49 30.09
CA ALA A 323 -17.93 29.37 30.31
C ALA A 323 -18.74 30.52 29.71
N ASP A 324 -18.08 31.50 29.08
CA ASP A 324 -18.77 32.59 28.42
C ASP A 324 -19.32 32.22 27.05
N GLY A 325 -19.34 30.93 26.70
CA GLY A 325 -19.79 30.49 25.39
C GLY A 325 -18.80 30.71 24.28
N ARG A 326 -17.74 31.49 24.51
CA ARG A 326 -16.66 31.65 23.56
C ARG A 326 -16.26 30.30 22.98
N GLU A 327 -16.10 30.23 21.67
CA GLU A 327 -15.67 29.01 21.00
C GLU A 327 -14.15 28.96 20.99
N VAL A 328 -13.62 27.77 21.31
CA VAL A 328 -12.19 27.58 21.45
C VAL A 328 -11.80 26.30 20.76
N VAL A 329 -10.50 26.20 20.44
CA VAL A 329 -9.89 24.92 20.09
C VAL A 329 -9.65 24.20 21.40
N CYS A 330 -10.45 23.15 21.66
CA CYS A 330 -10.33 22.50 22.97
C CYS A 330 -9.21 21.46 23.02
N HIS A 331 -8.74 20.98 21.88
CA HIS A 331 -7.68 19.99 21.88
C HIS A 331 -6.47 20.52 22.64
N ALA A 332 -5.91 19.69 23.51
CA ALA A 332 -4.87 20.15 24.40
C ALA A 332 -3.57 20.45 23.64
N SER A 333 -2.92 21.55 24.00
CA SER A 333 -1.71 21.96 23.28
C SER A 333 -0.86 22.87 24.17
N ALA A 334 0.45 22.88 23.85
CA ALA A 334 1.46 23.63 24.59
C ALA A 334 2.16 24.60 23.65
N TRP A 335 2.44 25.81 24.16
CA TRP A 335 2.78 26.95 23.33
C TRP A 335 4.06 27.64 23.76
N ASP A 336 4.98 27.82 22.81
CA ASP A 336 6.21 28.58 22.98
C ASP A 336 6.10 29.84 22.14
N PHE A 337 6.22 31.02 22.78
CA PHE A 337 6.08 32.27 22.04
C PHE A 337 7.40 32.76 21.50
N TYR A 338 8.49 32.00 21.71
CA TYR A 338 9.80 32.34 21.16
C TYR A 338 10.26 33.73 21.60
N ASN A 339 9.91 34.12 22.83
CA ASN A 339 10.47 35.32 23.43
C ASN A 339 11.16 35.02 24.75
N ARG A 340 11.35 33.75 25.09
CA ARG A 340 12.06 33.29 26.28
C ARG A 340 11.32 33.63 27.57
N LYS A 341 10.06 34.05 27.47
CA LYS A 341 9.32 34.56 28.62
C LYS A 341 7.94 33.90 28.70
N ASP A 342 7.18 33.95 27.60
CA ASP A 342 5.81 33.46 27.58
C ASP A 342 5.73 32.02 27.13
N PHE A 343 5.09 31.18 27.95
CA PHE A 343 4.89 29.77 27.70
C PHE A 343 3.51 29.43 28.27
N ARG A 344 2.68 28.74 27.49
CA ARG A 344 1.32 28.50 27.91
C ARG A 344 0.79 27.16 27.46
N ILE A 345 -0.19 26.66 28.20
CA ILE A 345 -0.98 25.49 27.81
C ILE A 345 -2.41 25.98 27.58
N LYS A 346 -3.05 25.40 26.57
CA LYS A 346 -4.46 25.61 26.25
C LYS A 346 -5.10 24.23 26.30
N GLN A 347 -5.88 23.96 27.35
CA GLN A 347 -6.50 22.66 27.53
C GLN A 347 -7.87 22.83 28.16
N CYS A 348 -8.89 22.16 27.59
CA CYS A 348 -10.23 22.18 28.19
C CYS A 348 -10.28 21.07 29.24
N THR A 349 -9.54 21.31 30.32
CA THR A 349 -9.24 20.23 31.25
C THR A 349 -10.49 19.74 31.95
N ARG A 350 -10.63 18.42 32.00
CA ARG A 350 -11.64 17.71 32.76
C ARG A 350 -10.97 16.95 33.90
N VAL A 351 -11.71 16.71 34.97
CA VAL A 351 -11.16 16.07 36.17
C VAL A 351 -11.32 14.56 36.00
N THR A 352 -10.33 13.96 35.34
CA THR A 352 -10.24 12.52 35.17
C THR A 352 -8.78 12.11 35.25
N MET A 353 -8.55 10.81 35.43
CA MET A 353 -7.19 10.30 35.47
C MET A 353 -6.49 10.43 34.11
N ASP A 354 -7.19 10.18 33.01
CA ASP A 354 -6.50 10.29 31.73
C ASP A 354 -6.20 11.75 31.41
N GLN A 355 -7.02 12.68 31.93
CA GLN A 355 -6.70 14.10 31.77
C GLN A 355 -5.49 14.49 32.59
N LEU A 356 -5.32 13.88 33.77
CA LEU A 356 -4.11 14.16 34.55
C LEU A 356 -2.89 13.73 33.77
N SER A 357 -2.99 12.62 33.05
CA SER A 357 -1.89 12.22 32.18
C SER A 357 -1.69 13.21 31.04
N THR A 358 -2.80 13.69 30.47
CA THR A 358 -2.68 14.70 29.42
C THR A 358 -2.01 15.98 29.95
N VAL A 359 -2.35 16.39 31.17
CA VAL A 359 -1.70 17.54 31.80
C VAL A 359 -0.19 17.34 31.86
N HIS A 360 0.24 16.12 32.24
CA HIS A 360 1.68 15.87 32.31
C HIS A 360 2.29 15.94 30.91
N HIS A 361 1.61 15.33 29.94
CA HIS A 361 2.07 15.40 28.55
C HIS A 361 2.32 16.83 28.10
N GLU A 362 1.35 17.72 28.34
CA GLU A 362 1.49 19.12 27.91
C GLU A 362 2.57 19.84 28.71
N MET A 363 2.65 19.58 30.02
CA MET A 363 3.68 20.26 30.80
C MET A 363 5.08 19.77 30.43
N GLY A 364 5.19 18.54 29.92
CA GLY A 364 6.47 18.11 29.36
C GLY A 364 6.95 19.01 28.22
N HIS A 365 6.05 19.42 27.34
CA HIS A 365 6.43 20.38 26.30
C HIS A 365 6.94 21.66 26.93
N ILE A 366 6.19 22.19 27.91
CA ILE A 366 6.60 23.44 28.55
C ILE A 366 7.99 23.30 29.14
N GLN A 367 8.24 22.20 29.85
CA GLN A 367 9.57 22.02 30.44
C GLN A 367 10.66 22.05 29.35
N TYR A 368 10.44 21.35 28.23
CA TYR A 368 11.34 21.44 27.09
C TYR A 368 11.59 22.90 26.71
N TYR A 369 10.50 23.65 26.50
CA TYR A 369 10.62 25.07 26.10
C TYR A 369 11.52 25.83 27.08
N LEU A 370 11.28 25.64 28.37
CA LEU A 370 12.05 26.35 29.40
C LEU A 370 13.52 25.94 29.38
N GLN A 371 13.82 24.68 29.08
CA GLN A 371 15.21 24.24 29.17
C GLN A 371 16.02 24.66 27.96
N TYR A 372 15.41 24.90 26.80
CA TYR A 372 16.20 25.31 25.64
C TYR A 372 15.90 26.75 25.21
N LYS A 373 15.28 27.56 26.07
CA LYS A 373 14.84 28.89 25.68
C LYS A 373 15.98 29.84 25.35
N ASP A 374 17.23 29.49 25.67
CA ASP A 374 18.37 30.35 25.36
C ASP A 374 19.17 29.88 24.15
N LEU A 375 18.83 28.71 23.59
CA LEU A 375 19.39 28.31 22.32
C LEU A 375 18.90 29.25 21.21
N PRO A 376 19.61 29.33 20.09
CA PRO A 376 19.08 30.08 18.94
C PRO A 376 17.81 29.41 18.42
N VAL A 377 16.91 30.24 17.86
CA VAL A 377 15.53 29.81 17.65
C VAL A 377 15.44 28.56 16.80
N SER A 378 16.33 28.41 15.82
CA SER A 378 16.24 27.24 14.94
C SER A 378 16.54 25.93 15.67
N LEU A 379 17.14 26.00 16.85
CA LEU A 379 17.42 24.83 17.66
C LEU A 379 16.40 24.63 18.77
N ARG A 380 15.40 25.50 18.91
CA ARG A 380 14.38 25.39 19.95
C ARG A 380 13.34 24.40 19.47
N ARG A 381 13.77 23.14 19.41
CA ARG A 381 12.95 22.03 18.95
C ARG A 381 13.42 20.81 19.71
N GLY A 382 12.62 19.74 19.66
CA GLY A 382 13.10 18.47 20.18
C GLY A 382 14.20 17.91 19.31
N ALA A 383 15.01 17.02 19.91
CA ALA A 383 16.00 16.29 19.12
C ALA A 383 15.35 15.73 17.85
N ASN A 384 14.14 15.21 17.96
CA ASN A 384 13.18 15.09 16.86
C ASN A 384 11.80 15.29 17.46
N PRO A 385 10.74 15.34 16.63
CA PRO A 385 9.42 15.65 17.18
C PRO A 385 8.90 14.62 18.15
N GLY A 386 9.31 13.35 18.01
CA GLY A 386 8.92 12.33 18.96
C GLY A 386 9.50 12.55 20.36
N PHE A 387 10.70 13.12 20.45
CA PHE A 387 11.27 13.48 21.75
C PHE A 387 10.36 14.45 22.48
N HIS A 388 9.85 15.47 21.77
CA HIS A 388 8.99 16.45 22.42
C HIS A 388 7.73 15.81 22.96
N GLU A 389 7.11 14.91 22.19
CA GLU A 389 5.88 14.32 22.67
C GLU A 389 6.10 13.29 23.77
N ALA A 390 7.32 12.84 24.00
CA ALA A 390 7.57 11.80 24.98
C ALA A 390 7.86 12.34 26.38
N ILE A 391 8.29 13.60 26.51
CA ILE A 391 8.88 14.03 27.79
C ILE A 391 7.85 13.88 28.92
N GLY A 392 6.67 14.48 28.75
CA GLY A 392 5.68 14.41 29.81
C GLY A 392 5.16 13.01 30.05
N ASP A 393 5.04 12.20 28.99
CA ASP A 393 4.56 10.83 29.12
C ASP A 393 5.50 10.00 29.99
N VAL A 394 6.80 10.28 29.93
CA VAL A 394 7.74 9.55 30.79
C VAL A 394 7.41 9.78 32.27
N LEU A 395 7.21 11.03 32.66
CA LEU A 395 6.88 11.32 34.04
C LEU A 395 5.54 10.69 34.42
N ALA A 396 4.57 10.75 33.51
CA ALA A 396 3.27 10.17 33.81
C ALA A 396 3.37 8.66 34.05
N LEU A 397 4.34 7.99 33.44
CA LEU A 397 4.54 6.56 33.71
C LEU A 397 4.81 6.34 35.20
N SER A 398 5.63 7.20 35.83
CA SER A 398 5.88 7.08 37.26
C SER A 398 4.65 7.48 38.06
N VAL A 399 3.94 8.52 37.61
CA VAL A 399 2.79 9.01 38.37
C VAL A 399 1.70 7.94 38.43
N SER A 400 1.50 7.20 37.34
N SER A 400 1.51 7.19 37.34
CA SER A 400 0.40 6.23 37.28
CA SER A 400 0.42 6.22 37.27
C SER A 400 0.66 4.97 38.11
C SER A 400 0.64 5.00 38.15
N THR A 401 1.87 4.76 38.60
CA THR A 401 2.12 3.56 39.40
C THR A 401 1.25 3.56 40.66
N PRO A 402 0.77 2.39 41.10
CA PRO A 402 -0.05 2.37 42.33
C PRO A 402 0.67 2.97 43.53
N GLU A 403 1.97 2.74 43.66
CA GLU A 403 2.70 3.30 44.79
C GLU A 403 2.70 4.82 44.73
N HIS A 404 2.86 5.39 43.54
CA HIS A 404 2.89 6.85 43.48
C HIS A 404 1.49 7.42 43.73
N LEU A 405 0.46 6.81 43.15
CA LEU A 405 -0.90 7.25 43.43
C LEU A 405 -1.18 7.23 44.92
N HIS A 406 -0.66 6.21 45.61
CA HIS A 406 -0.79 6.18 47.06
C HIS A 406 -0.07 7.36 47.70
N LYS A 407 1.13 7.69 47.21
CA LYS A 407 1.87 8.82 47.79
C LYS A 407 1.08 10.12 47.70
N ILE A 408 0.34 10.32 46.62
CA ILE A 408 -0.38 11.58 46.39
C ILE A 408 -1.85 11.46 46.81
N GLY A 409 -2.20 10.43 47.57
CA GLY A 409 -3.50 10.35 48.20
C GLY A 409 -4.65 9.93 47.30
N LEU A 410 -4.37 9.35 46.14
CA LEU A 410 -5.42 8.93 45.20
C LEU A 410 -5.70 7.43 45.28
N LEU A 411 -5.06 6.71 46.18
CA LEU A 411 -5.22 5.25 46.23
C LEU A 411 -4.78 4.75 47.60
N ASP A 412 -5.64 4.02 48.27
CA ASP A 412 -5.23 3.36 49.51
C ASP A 412 -4.34 2.17 49.17
N ARG A 413 -3.17 2.11 49.82
CA ARG A 413 -2.07 1.27 49.37
C ARG A 413 -2.55 -0.08 48.85
N VAL A 414 -2.03 -0.46 47.70
CA VAL A 414 -2.40 -1.72 47.05
C VAL A 414 -1.47 -2.81 47.55
N THR A 415 -2.01 -4.01 47.73
CA THR A 415 -1.15 -5.13 48.04
C THR A 415 -0.32 -5.48 46.80
N ASN A 416 0.93 -5.84 47.02
CA ASN A 416 1.87 -6.12 45.94
C ASN A 416 1.73 -7.59 45.51
N ASP A 417 0.51 -7.92 45.05
CA ASP A 417 0.14 -9.26 44.65
C ASP A 417 0.05 -9.35 43.12
N THR A 418 -0.28 -10.54 42.64
CA THR A 418 -0.24 -10.80 41.19
C THR A 418 -1.49 -10.31 40.48
N GLU A 419 -2.67 -10.44 41.11
CA GLU A 419 -3.88 -9.86 40.56
C GLU A 419 -3.71 -8.36 40.35
N SER A 420 -3.00 -7.70 41.27
CA SER A 420 -2.84 -6.24 41.20
C SER A 420 -1.83 -5.84 40.14
N ASP A 421 -0.75 -6.61 39.97
CA ASP A 421 0.23 -6.27 38.94
C ASP A 421 -0.36 -6.43 37.54
N ILE A 422 -1.20 -7.45 37.36
CA ILE A 422 -1.85 -7.68 36.08
C ILE A 422 -2.93 -6.64 35.83
N ASN A 423 -3.72 -6.32 36.87
CA ASN A 423 -4.69 -5.22 36.74
C ASN A 423 -3.99 -3.97 36.22
N TYR A 424 -2.83 -3.64 36.80
CA TYR A 424 -2.15 -2.39 36.45
C TYR A 424 -1.61 -2.45 35.03
N LEU A 425 -0.90 -3.53 34.70
CA LEU A 425 -0.30 -3.60 33.38
C LEU A 425 -1.37 -3.69 32.29
N LEU A 426 -2.53 -4.27 32.60
CA LEU A 426 -3.60 -4.27 31.62
C LEU A 426 -4.11 -2.85 31.40
N LYS A 427 -4.36 -2.13 32.49
CA LYS A 427 -4.80 -0.75 32.33
C LYS A 427 -3.78 0.05 31.52
N MET A 428 -2.50 -0.18 31.77
CA MET A 428 -1.48 0.55 31.01
C MET A 428 -1.46 0.10 29.55
N ALA A 429 -1.70 -1.18 29.29
CA ALA A 429 -1.76 -1.68 27.92
C ALA A 429 -2.92 -1.03 27.17
N LEU A 430 -4.05 -0.85 27.84
CA LEU A 430 -5.19 -0.21 27.21
C LEU A 430 -4.86 1.19 26.75
N GLU A 431 -3.97 1.88 27.49
CA GLU A 431 -3.59 3.25 27.13
C GLU A 431 -2.47 3.30 26.12
N LYS A 432 -1.48 2.43 26.23
CA LYS A 432 -0.24 2.52 25.46
C LYS A 432 -0.18 1.54 24.29
N ILE A 433 -0.45 0.25 24.54
CA ILE A 433 -0.38 -0.73 23.47
C ILE A 433 -1.50 -0.50 22.46
N ALA A 434 -2.71 -0.20 22.94
CA ALA A 434 -3.81 -0.03 22.02
C ALA A 434 -3.56 1.13 21.07
N PHE A 435 -2.79 2.13 21.51
CA PHE A 435 -2.54 3.29 20.68
C PHE A 435 -1.59 2.99 19.55
N LEU A 436 -0.71 2.01 19.70
CA LEU A 436 0.38 1.82 18.74
C LEU A 436 -0.08 1.72 17.29
N PRO A 437 -1.05 0.86 16.94
CA PRO A 437 -1.51 0.84 15.55
C PRO A 437 -2.03 2.16 15.04
N PHE A 438 -2.76 2.92 15.85
CA PHE A 438 -3.27 4.21 15.40
C PHE A 438 -2.13 5.22 15.23
N GLY A 439 -1.22 5.30 16.20
CA GLY A 439 -0.06 6.14 16.02
C GLY A 439 0.71 5.84 14.76
N TYR A 440 0.73 4.57 14.33
CA TYR A 440 1.48 4.22 13.14
C TYR A 440 0.72 4.53 11.85
N LEU A 441 -0.60 4.33 11.85
CA LEU A 441 -1.34 4.37 10.60
C LEU A 441 -1.71 5.79 10.15
N VAL A 442 -1.90 6.74 11.05
CA VAL A 442 -2.43 8.05 10.61
C VAL A 442 -1.55 8.67 9.53
N ASP A 443 -0.24 8.72 9.73
CA ASP A 443 0.60 9.31 8.72
C ASP A 443 0.90 8.36 7.58
N GLN A 444 0.70 7.05 7.74
CA GLN A 444 0.69 6.21 6.55
C GLN A 444 -0.40 6.67 5.61
N TRP A 445 -1.58 6.98 6.15
CA TRP A 445 -2.64 7.54 5.33
C TRP A 445 -2.22 8.88 4.72
N ARG A 446 -1.71 9.79 5.55
N ARG A 446 -1.73 9.80 5.54
CA ARG A 446 -1.39 11.13 5.07
CA ARG A 446 -1.40 11.12 5.02
C ARG A 446 -0.22 11.10 4.10
C ARG A 446 -0.23 11.07 4.06
N TRP A 447 0.76 10.22 4.31
CA TRP A 447 1.86 10.12 3.37
C TRP A 447 1.36 9.69 1.99
N GLY A 448 0.40 8.77 1.95
CA GLY A 448 -0.20 8.35 0.68
C GLY A 448 -1.04 9.43 0.03
N VAL A 449 -1.72 10.27 0.82
CA VAL A 449 -2.42 11.41 0.24
C VAL A 449 -1.40 12.37 -0.36
N PHE A 450 -0.36 12.74 0.41
CA PHE A 450 0.63 13.69 -0.15
C PHE A 450 1.33 13.15 -1.39
N SER A 451 1.60 11.83 -1.42
CA SER A 451 2.35 11.27 -2.52
C SER A 451 1.49 11.15 -3.79
N GLY A 452 0.18 11.26 -3.64
CA GLY A 452 -0.71 10.99 -4.74
C GLY A 452 -1.20 9.57 -4.83
N ARG A 453 -0.67 8.65 -4.00
N ARG A 453 -0.67 8.65 -4.00
CA ARG A 453 -1.15 7.27 -4.02
CA ARG A 453 -1.15 7.27 -4.00
C ARG A 453 -2.65 7.23 -3.68
C ARG A 453 -2.63 7.21 -3.64
N THR A 454 -3.11 8.14 -2.83
CA THR A 454 -4.49 8.21 -2.37
C THR A 454 -5.09 9.52 -2.83
N PRO A 455 -5.75 9.53 -3.99
CA PRO A 455 -6.45 10.72 -4.44
C PRO A 455 -7.70 10.92 -3.63
N PRO A 456 -8.33 12.10 -3.73
CA PRO A 456 -9.62 12.32 -3.06
C PRO A 456 -10.62 11.19 -3.23
N SER A 457 -10.63 10.55 -4.41
CA SER A 457 -11.58 9.48 -4.71
C SER A 457 -11.37 8.24 -3.85
N ARG A 458 -10.28 8.20 -3.07
CA ARG A 458 -10.01 7.07 -2.17
C ARG A 458 -9.65 7.52 -0.76
N TYR A 459 -9.95 8.77 -0.36
CA TYR A 459 -9.61 9.19 0.99
C TYR A 459 -10.17 8.21 2.04
N ASN A 460 -11.46 7.85 1.92
CA ASN A 460 -12.09 7.05 2.98
C ASN A 460 -11.83 5.57 2.80
N PHE A 461 -11.78 5.10 1.55
CA PHE A 461 -11.41 3.72 1.25
C PHE A 461 -10.04 3.37 1.82
N ASP A 462 -9.06 4.26 1.63
CA ASP A 462 -7.73 3.97 2.12
C ASP A 462 -7.63 4.18 3.63
N TRP A 463 -8.37 5.14 4.18
CA TRP A 463 -8.39 5.32 5.63
C TRP A 463 -8.91 4.05 6.31
N TRP A 464 -10.02 3.50 5.82
CA TRP A 464 -10.57 2.36 6.51
C TRP A 464 -9.81 1.08 6.20
N TYR A 465 -9.15 1.03 5.03
CA TYR A 465 -8.21 -0.04 4.78
C TYR A 465 -7.18 -0.10 5.92
N LEU A 466 -6.58 1.06 6.22
CA LEU A 466 -5.54 1.12 7.23
C LEU A 466 -6.07 0.90 8.64
N ARG A 467 -7.25 1.47 8.96
CA ARG A 467 -7.84 1.26 10.26
C ARG A 467 -8.13 -0.20 10.52
N THR A 468 -8.65 -0.91 9.52
CA THR A 468 -8.85 -2.36 9.69
C THR A 468 -7.52 -3.11 9.70
N LYS A 469 -6.60 -2.76 8.81
CA LYS A 469 -5.35 -3.47 8.71
C LYS A 469 -4.61 -3.44 10.06
N TYR A 470 -4.55 -2.26 10.67
CA TYR A 470 -3.71 -2.06 11.85
C TYR A 470 -4.48 -2.20 13.15
N GLN A 471 -5.61 -1.49 13.30
CA GLN A 471 -6.36 -1.55 14.53
C GLN A 471 -7.36 -2.71 14.60
N GLY A 472 -7.70 -3.31 13.47
CA GLY A 472 -8.72 -4.37 13.53
C GLY A 472 -10.06 -3.85 14.03
N ILE A 473 -10.47 -2.69 13.52
CA ILE A 473 -11.78 -2.13 13.78
C ILE A 473 -12.51 -1.93 12.46
N CYS A 474 -13.82 -1.71 12.55
CA CYS A 474 -14.65 -1.48 11.37
C CYS A 474 -15.64 -0.39 11.70
N PRO A 475 -16.06 0.39 10.71
CA PRO A 475 -17.06 1.42 10.95
C PRO A 475 -18.39 0.77 11.32
N PRO A 476 -19.08 1.29 12.32
CA PRO A 476 -20.34 0.69 12.74
C PRO A 476 -21.53 1.08 11.88
N VAL A 477 -21.34 2.02 10.95
CA VAL A 477 -22.32 2.31 9.91
C VAL A 477 -21.56 2.32 8.58
N THR A 478 -22.29 2.10 7.51
CA THR A 478 -21.69 2.14 6.18
C THR A 478 -21.10 3.51 5.90
N ARG A 479 -19.92 3.52 5.30
CA ARG A 479 -19.25 4.76 4.88
C ARG A 479 -19.00 4.68 3.37
N ASN A 480 -18.99 5.84 2.73
CA ASN A 480 -18.61 5.96 1.33
C ASN A 480 -17.74 7.20 1.17
N GLU A 481 -17.41 7.56 -0.07
CA GLU A 481 -16.41 8.60 -0.25
C GLU A 481 -16.97 10.01 -0.08
N THR A 482 -18.27 10.15 0.16
CA THR A 482 -18.79 11.41 0.67
C THR A 482 -18.29 11.67 2.08
N HIS A 483 -18.07 10.62 2.84
CA HIS A 483 -17.51 10.74 4.17
C HIS A 483 -16.01 10.95 4.10
N PHE A 484 -15.48 11.60 5.14
CA PHE A 484 -14.07 11.94 5.22
C PHE A 484 -13.67 11.73 6.67
N ASP A 485 -13.57 10.47 7.06
CA ASP A 485 -13.46 10.12 8.47
C ASP A 485 -12.11 10.47 9.04
N ALA A 486 -11.06 10.48 8.22
CA ALA A 486 -9.78 11.02 8.66
C ALA A 486 -9.90 12.48 9.09
N GLY A 487 -10.80 13.24 8.46
CA GLY A 487 -10.96 14.62 8.85
C GLY A 487 -11.59 14.83 10.18
N ALA A 488 -12.19 13.80 10.76
CA ALA A 488 -12.81 13.90 12.07
C ALA A 488 -11.82 13.66 13.21
N LYS A 489 -10.53 13.55 12.88
CA LYS A 489 -9.44 13.48 13.87
C LYS A 489 -8.69 14.80 13.86
N PHE A 490 -8.51 15.42 15.04
CA PHE A 490 -7.95 16.78 15.15
C PHE A 490 -6.77 17.07 14.25
N HIS A 491 -5.78 16.16 14.26
CA HIS A 491 -4.51 16.47 13.64
C HIS A 491 -4.56 16.57 12.13
N VAL A 492 -5.61 16.03 11.49
CA VAL A 492 -5.69 16.10 10.03
C VAL A 492 -6.05 17.50 9.60
N PRO A 493 -7.21 18.04 9.97
CA PRO A 493 -7.50 19.44 9.56
C PRO A 493 -6.54 20.46 10.19
N ASN A 494 -6.01 20.18 11.36
CA ASN A 494 -5.07 21.09 12.00
C ASN A 494 -3.63 20.83 11.58
N VAL A 495 -3.41 20.00 10.57
CA VAL A 495 -2.12 19.81 9.92
C VAL A 495 -1.02 19.65 10.96
N THR A 496 -1.21 18.73 11.88
CA THR A 496 -0.20 18.37 12.87
C THR A 496 0.27 16.95 12.56
N PRO A 497 1.54 16.72 12.24
CA PRO A 497 1.95 15.36 11.90
C PRO A 497 1.74 14.42 13.07
N TYR A 498 1.68 13.13 12.74
CA TYR A 498 1.29 12.12 13.72
C TYR A 498 2.35 11.07 14.03
N ILE A 499 3.31 10.83 13.15
CA ILE A 499 4.24 9.71 13.40
C ILE A 499 5.06 9.97 14.66
N ARG A 500 5.20 11.23 15.07
CA ARG A 500 5.82 11.58 16.33
C ARG A 500 5.22 10.83 17.50
N TYR A 501 3.93 10.51 17.46
CA TYR A 501 3.31 9.84 18.62
C TYR A 501 3.63 8.37 18.65
N PHE A 502 3.71 7.72 17.50
CA PHE A 502 4.24 6.36 17.47
C PHE A 502 5.69 6.33 17.95
N VAL A 503 6.52 7.25 17.45
CA VAL A 503 7.90 7.34 17.96
C VAL A 503 7.89 7.58 19.46
N SER A 504 7.06 8.52 19.92
N SER A 504 7.02 8.48 19.94
CA SER A 504 7.01 8.83 21.34
CA SER A 504 7.05 8.83 21.35
C SER A 504 6.67 7.61 22.18
C SER A 504 6.54 7.72 22.25
N PHE A 505 5.69 6.84 21.74
CA PHE A 505 5.19 5.75 22.59
C PHE A 505 6.22 4.65 22.72
N VAL A 506 7.13 4.53 21.75
CA VAL A 506 8.24 3.60 21.89
C VAL A 506 9.34 4.24 22.75
N LEU A 507 9.71 5.46 22.40
CA LEU A 507 10.81 6.18 23.03
C LEU A 507 10.60 6.33 24.53
N GLN A 508 9.36 6.57 24.96
CA GLN A 508 9.16 6.90 26.37
C GLN A 508 9.54 5.73 27.28
N PHE A 509 9.40 4.49 26.78
CA PHE A 509 9.83 3.36 27.59
C PHE A 509 11.34 3.23 27.59
N GLN A 510 12.00 3.64 26.50
CA GLN A 510 13.45 3.70 26.53
C GLN A 510 13.93 4.75 27.53
N PHE A 511 13.27 5.92 27.53
CA PHE A 511 13.60 6.95 28.51
C PHE A 511 13.35 6.46 29.92
N HIS A 512 12.17 5.87 30.15
CA HIS A 512 11.81 5.36 31.46
C HIS A 512 12.87 4.41 31.99
N GLU A 513 13.25 3.42 31.19
CA GLU A 513 14.26 2.47 31.64
C GLU A 513 15.57 3.18 31.99
N ALA A 514 15.97 4.15 31.18
CA ALA A 514 17.21 4.87 31.46
C ALA A 514 17.12 5.66 32.75
N LEU A 515 15.99 6.33 32.98
CA LEU A 515 15.89 7.17 34.17
C LEU A 515 15.75 6.34 35.43
N CYS A 516 15.03 5.22 35.35
CA CYS A 516 14.93 4.32 36.49
C CYS A 516 16.27 3.74 36.87
N LYS A 517 17.05 3.29 35.88
CA LYS A 517 18.42 2.84 36.18
C LYS A 517 19.22 3.97 36.81
N GLU A 518 19.13 5.17 36.26
CA GLU A 518 19.89 6.30 36.80
C GLU A 518 19.43 6.67 38.20
N ALA A 519 18.16 6.46 38.50
CA ALA A 519 17.61 6.75 39.83
C ALA A 519 18.04 5.74 40.87
N GLY A 520 18.58 4.59 40.47
CA GLY A 520 18.96 3.55 41.39
C GLY A 520 17.89 2.51 41.65
N TYR A 521 16.75 2.59 40.96
CA TYR A 521 15.68 1.63 41.15
C TYR A 521 16.16 0.24 40.72
N GLU A 522 15.63 -0.78 41.38
CA GLU A 522 16.07 -2.16 41.16
C GLU A 522 14.94 -3.14 40.89
N GLY A 523 13.70 -2.79 41.20
CA GLY A 523 12.59 -3.70 41.07
C GLY A 523 12.06 -3.75 39.65
N PRO A 524 10.88 -4.36 39.47
CA PRO A 524 10.28 -4.42 38.14
C PRO A 524 10.19 -3.03 37.51
N LEU A 525 10.48 -2.97 36.21
CA LEU A 525 10.48 -1.69 35.51
C LEU A 525 9.12 -1.01 35.60
N HIS A 526 8.05 -1.77 35.59
CA HIS A 526 6.70 -1.19 35.61
C HIS A 526 6.27 -0.72 37.00
N GLN A 527 7.12 -0.91 38.01
CA GLN A 527 6.84 -0.38 39.35
C GLN A 527 7.79 0.77 39.70
N CYS A 528 8.64 1.19 38.77
CA CYS A 528 9.57 2.26 39.03
C CYS A 528 8.85 3.60 39.14
N ASP A 529 9.30 4.42 40.10
CA ASP A 529 8.84 5.80 40.26
C ASP A 529 10.09 6.65 40.42
N ILE A 530 10.31 7.59 39.48
CA ILE A 530 11.49 8.43 39.53
C ILE A 530 11.26 9.71 40.33
N TYR A 531 10.07 9.87 40.92
CA TYR A 531 9.78 10.99 41.79
C TYR A 531 10.94 11.28 42.72
N ARG A 532 11.38 12.54 42.74
CA ARG A 532 12.40 13.06 43.65
C ARG A 532 13.80 12.54 43.34
N SER A 533 14.02 11.92 42.18
CA SER A 533 15.37 11.52 41.80
C SER A 533 16.04 12.69 41.08
N THR A 534 16.98 13.37 41.77
CA THR A 534 17.70 14.46 41.13
C THR A 534 18.71 13.94 40.09
N LYS A 535 19.22 12.73 40.27
CA LYS A 535 20.08 12.13 39.25
C LYS A 535 19.29 11.89 37.96
N ALA A 536 18.08 11.33 38.08
CA ALA A 536 17.26 11.13 36.89
C ALA A 536 16.90 12.47 36.26
N GLY A 537 16.57 13.46 37.09
CA GLY A 537 16.30 14.79 36.56
C GLY A 537 17.47 15.35 35.80
N ALA A 538 18.69 15.13 36.30
CA ALA A 538 19.88 15.62 35.63
C ALA A 538 20.06 14.97 34.27
N LYS A 539 19.84 13.66 34.18
CA LYS A 539 19.97 12.99 32.90
C LYS A 539 18.91 13.48 31.90
N LEU A 540 17.68 13.69 32.36
CA LEU A 540 16.65 14.26 31.49
C LEU A 540 16.98 15.69 31.10
N ARG A 541 17.45 16.49 32.05
CA ARG A 541 17.75 17.89 31.76
C ARG A 541 18.76 18.01 30.62
N LYS A 542 19.73 17.11 30.56
CA LYS A 542 20.71 17.16 29.48
C LYS A 542 20.05 17.03 28.11
N VAL A 543 19.10 16.11 27.99
CA VAL A 543 18.36 15.97 26.74
C VAL A 543 17.61 17.26 26.41
N LEU A 544 16.94 17.83 27.42
CA LEU A 544 16.04 18.95 27.15
C LEU A 544 16.81 20.19 26.74
N ARG A 545 17.98 20.43 27.35
CA ARG A 545 18.75 21.61 27.01
C ARG A 545 19.44 21.48 25.65
N ALA A 546 19.55 20.27 25.11
CA ALA A 546 20.19 20.11 23.81
C ALA A 546 19.33 20.63 22.67
N GLY A 547 18.03 20.73 22.86
CA GLY A 547 17.16 21.10 21.76
C GLY A 547 17.41 20.22 20.56
N SER A 548 17.53 20.86 19.39
CA SER A 548 17.85 20.16 18.15
C SER A 548 19.26 20.54 17.66
N SER A 549 20.16 20.82 18.59
CA SER A 549 21.52 21.17 18.21
C SER A 549 22.33 19.95 17.78
N ARG A 550 22.01 18.78 18.32
CA ARG A 550 22.71 17.56 17.99
C ARG A 550 21.77 16.51 17.40
N PRO A 551 22.27 15.67 16.50
CA PRO A 551 21.44 14.57 15.98
C PRO A 551 20.77 13.80 17.09
N TRP A 552 19.50 13.41 16.86
CA TRP A 552 18.76 12.74 17.92
C TRP A 552 19.41 11.40 18.24
N GLN A 553 20.09 10.78 17.27
CA GLN A 553 20.73 9.50 17.52
C GLN A 553 21.84 9.61 18.55
N GLU A 554 22.56 10.73 18.54
CA GLU A 554 23.62 10.95 19.52
C GLU A 554 23.05 11.31 20.89
N VAL A 555 22.03 12.16 20.91
CA VAL A 555 21.38 12.52 22.15
C VAL A 555 20.80 11.28 22.82
N LEU A 556 20.21 10.39 22.03
CA LEU A 556 19.61 9.18 22.56
C LEU A 556 20.68 8.27 23.14
N LYS A 557 21.77 8.06 22.41
CA LYS A 557 22.83 7.17 22.91
C LYS A 557 23.41 7.71 24.22
N ASP A 558 23.55 9.03 24.33
CA ASP A 558 24.01 9.62 25.58
C ASP A 558 23.06 9.29 26.73
N MET A 559 21.76 9.19 26.45
CA MET A 559 20.78 9.01 27.52
C MET A 559 20.56 7.54 27.85
N VAL A 560 20.40 6.69 26.84
CA VAL A 560 19.95 5.32 27.05
C VAL A 560 21.00 4.28 26.65
N GLY A 561 22.12 4.70 26.09
CA GLY A 561 23.16 3.77 25.67
C GLY A 561 23.01 3.24 24.26
N LEU A 562 21.95 3.61 23.55
CA LEU A 562 21.64 3.09 22.23
C LEU A 562 21.29 4.27 21.33
N ASP A 563 21.65 4.15 20.06
CA ASP A 563 21.49 5.25 19.11
C ASP A 563 20.31 5.04 18.18
N ALA A 564 19.37 4.17 18.54
CA ALA A 564 18.21 3.95 17.69
C ALA A 564 16.99 3.67 18.57
N LEU A 565 15.82 3.85 17.95
CA LEU A 565 14.58 3.41 18.57
C LEU A 565 14.63 1.90 18.80
N ASP A 566 14.10 1.49 19.95
CA ASP A 566 14.19 0.09 20.38
C ASP A 566 12.91 -0.23 21.12
N ALA A 567 12.25 -1.32 20.74
CA ALA A 567 11.03 -1.75 21.40
C ALA A 567 11.27 -2.60 22.63
N GLN A 568 12.51 -3.01 22.90
CA GLN A 568 12.75 -3.91 24.02
C GLN A 568 12.30 -3.32 25.35
N PRO A 569 12.56 -2.06 25.66
CA PRO A 569 12.08 -1.52 26.95
C PRO A 569 10.57 -1.62 27.09
N LEU A 570 9.83 -1.29 26.03
CA LEU A 570 8.38 -1.45 26.08
C LEU A 570 7.99 -2.90 26.32
N LEU A 571 8.61 -3.82 25.60
CA LEU A 571 8.30 -5.23 25.77
C LEU A 571 8.61 -5.70 27.19
N LYS A 572 9.74 -5.24 27.75
CA LYS A 572 10.12 -5.61 29.10
C LYS A 572 9.17 -5.02 30.13
N TYR A 573 8.67 -3.81 29.87
CA TYR A 573 7.70 -3.20 30.75
C TYR A 573 6.43 -4.04 30.88
N PHE A 574 5.89 -4.49 29.73
CA PHE A 574 4.63 -5.21 29.71
C PHE A 574 4.76 -6.73 29.81
N GLN A 575 5.97 -7.26 30.01
CA GLN A 575 6.23 -8.70 29.86
C GLN A 575 5.19 -9.57 30.58
N LEU A 576 4.85 -9.21 31.81
CA LEU A 576 3.98 -10.07 32.61
C LEU A 576 2.56 -10.15 32.03
N VAL A 577 2.02 -9.02 31.56
CA VAL A 577 0.66 -9.01 31.03
C VAL A 577 0.66 -9.53 29.60
N THR A 578 1.78 -9.40 28.88
CA THR A 578 1.88 -10.02 27.58
C THR A 578 1.71 -11.52 27.68
N GLN A 579 2.35 -12.12 28.69
CA GLN A 579 2.21 -13.56 28.93
C GLN A 579 0.80 -13.90 29.39
N TRP A 580 0.29 -13.15 30.35
CA TRP A 580 -1.05 -13.42 30.86
C TRP A 580 -2.09 -13.36 29.76
N LEU A 581 -2.01 -12.33 28.88
CA LEU A 581 -3.01 -12.21 27.84
C LEU A 581 -2.96 -13.37 26.86
N GLN A 582 -1.77 -13.81 26.49
CA GLN A 582 -1.66 -14.99 25.64
C GLN A 582 -2.41 -16.18 26.24
N GLU A 583 -2.20 -16.43 27.53
CA GLU A 583 -2.82 -17.58 28.18
C GLU A 583 -4.33 -17.46 28.20
N GLN A 584 -4.85 -16.28 28.56
CA GLN A 584 -6.29 -16.09 28.57
C GLN A 584 -6.89 -16.36 27.19
N ASN A 585 -6.29 -15.77 26.13
CA ASN A 585 -6.82 -15.99 24.79
C ASN A 585 -6.75 -17.45 24.39
N GLN A 586 -5.68 -18.16 24.78
CA GLN A 586 -5.60 -19.58 24.48
C GLN A 586 -6.69 -20.36 25.21
N GLN A 587 -6.90 -20.05 26.48
CA GLN A 587 -7.91 -20.76 27.26
C GLN A 587 -9.29 -20.54 26.68
N ASN A 588 -9.56 -19.32 26.19
CA ASN A 588 -10.84 -19.02 25.58
C ASN A 588 -10.89 -19.45 24.11
N GLY A 589 -9.84 -20.08 23.59
CA GLY A 589 -9.83 -20.49 22.20
C GLY A 589 -9.95 -19.35 21.20
N GLU A 590 -9.40 -18.20 21.53
CA GLU A 590 -9.57 -17.03 20.69
C GLU A 590 -8.83 -17.20 19.38
N VAL A 591 -9.34 -16.54 18.34
CA VAL A 591 -8.62 -16.35 17.10
C VAL A 591 -7.92 -15.00 17.20
N LEU A 592 -6.61 -14.99 17.03
CA LEU A 592 -5.87 -13.74 17.02
C LEU A 592 -6.02 -13.07 15.64
N GLY A 593 -6.39 -11.82 15.66
CA GLY A 593 -6.66 -11.09 14.43
C GLY A 593 -8.14 -11.13 14.06
N TRP A 594 -8.41 -10.80 12.81
CA TRP A 594 -9.77 -10.54 12.37
C TRP A 594 -9.91 -11.07 10.94
N PRO A 595 -9.82 -12.39 10.78
CA PRO A 595 -9.88 -12.99 9.44
C PRO A 595 -11.18 -12.73 8.67
N GLU A 596 -12.29 -12.45 9.35
CA GLU A 596 -13.52 -12.03 8.69
C GLU A 596 -13.46 -10.52 8.48
N TYR A 597 -12.53 -10.12 7.61
CA TYR A 597 -12.16 -8.72 7.49
C TYR A 597 -13.25 -7.87 6.85
N GLN A 598 -14.23 -8.52 6.19
CA GLN A 598 -15.34 -7.83 5.57
C GLN A 598 -16.47 -7.50 6.54
N TRP A 599 -16.44 -8.05 7.74
CA TRP A 599 -17.61 -7.97 8.61
C TRP A 599 -17.84 -6.56 9.13
N HIS A 600 -19.11 -6.16 9.13
CA HIS A 600 -19.59 -4.95 9.77
C HIS A 600 -20.81 -5.28 10.61
N PRO A 601 -21.01 -4.59 11.72
CA PRO A 601 -22.19 -4.86 12.55
C PRO A 601 -23.46 -4.40 11.85
N PRO A 602 -24.61 -4.97 12.21
CA PRO A 602 -25.87 -4.42 11.75
C PRO A 602 -26.23 -3.14 12.50
N LEU A 603 -27.18 -2.41 11.93
CA LEU A 603 -27.72 -1.23 12.60
C LEU A 603 -28.64 -1.64 13.74
N PRO A 604 -28.65 -0.90 14.85
CA PRO A 604 -29.69 -1.12 15.86
C PRO A 604 -31.07 -0.95 15.25
N ASP A 605 -32.04 -1.66 15.81
CA ASP A 605 -33.39 -1.61 15.27
C ASP A 605 -33.98 -0.22 15.47
N ASN A 606 -34.54 0.32 14.39
CA ASN A 606 -35.19 1.64 14.43
C ASN A 606 -34.23 2.70 14.95
N TYR A 607 -33.03 2.74 14.36
CA TYR A 607 -32.02 3.77 14.52
C TYR A 607 -32.19 4.83 13.42
N PRO A 608 -32.12 6.13 13.73
CA PRO A 608 -31.74 6.76 15.00
C PRO A 608 -32.83 7.00 16.03
N GLU A 609 -33.94 6.27 16.03
CA GLU A 609 -34.96 6.46 17.07
C GLU A 609 -34.83 5.42 18.17
N LEU B 1 24.86 -35.55 -11.06
CA LEU B 1 24.92 -34.90 -12.41
C LEU B 1 25.86 -35.70 -13.31
N ASP B 2 25.40 -36.01 -14.51
CA ASP B 2 26.18 -36.83 -15.42
C ASP B 2 27.53 -36.17 -15.69
N PRO B 3 28.61 -36.94 -15.73
CA PRO B 3 29.92 -36.31 -15.98
C PRO B 3 29.94 -35.39 -17.19
N GLY B 4 29.30 -35.78 -18.29
CA GLY B 4 29.29 -34.94 -19.47
C GLY B 4 28.65 -33.58 -19.26
N LEU B 5 27.91 -33.40 -18.17
CA LEU B 5 27.19 -32.17 -17.92
C LEU B 5 27.88 -31.26 -16.91
N GLN B 6 29.01 -31.69 -16.33
CA GLN B 6 29.69 -30.95 -15.28
C GLN B 6 30.69 -29.96 -15.86
N PRO B 7 30.87 -28.81 -15.23
CA PRO B 7 31.82 -27.81 -15.76
C PRO B 7 33.28 -28.23 -15.58
N GLY B 8 34.11 -27.90 -16.58
CA GLY B 8 35.53 -28.13 -16.50
C GLY B 8 36.27 -26.96 -15.90
N GLN B 9 37.46 -26.66 -16.41
CA GLN B 9 38.27 -25.58 -15.86
C GLN B 9 38.45 -24.45 -16.87
N PHE B 10 38.56 -23.21 -16.34
CA PHE B 10 38.67 -21.99 -17.12
C PHE B 10 39.49 -20.96 -16.35
N SER B 11 40.07 -20.01 -17.09
CA SER B 11 40.88 -18.97 -16.47
C SER B 11 40.02 -17.96 -15.70
N ALA B 12 40.57 -17.42 -14.62
CA ALA B 12 39.86 -16.48 -13.74
C ALA B 12 40.07 -15.03 -14.23
N ASP B 13 39.84 -14.83 -15.52
CA ASP B 13 39.89 -13.50 -16.12
C ASP B 13 38.80 -13.43 -17.18
N GLU B 14 38.69 -12.27 -17.83
CA GLU B 14 37.59 -12.07 -18.77
C GLU B 14 37.68 -13.04 -19.95
N ALA B 15 38.88 -13.25 -20.48
CA ALA B 15 39.04 -14.17 -21.60
C ALA B 15 38.62 -15.59 -21.20
N GLY B 16 38.96 -16.01 -19.99
CA GLY B 16 38.47 -17.30 -19.51
C GLY B 16 36.96 -17.31 -19.35
N ALA B 17 36.40 -16.18 -18.90
CA ALA B 17 34.95 -16.11 -18.73
C ALA B 17 34.24 -16.33 -20.06
N GLN B 18 34.81 -15.81 -21.15
CA GLN B 18 34.21 -16.04 -22.46
C GLN B 18 34.16 -17.53 -22.79
N LEU B 19 35.22 -18.26 -22.45
CA LEU B 19 35.25 -19.70 -22.69
C LEU B 19 34.30 -20.44 -21.74
N PHE B 20 34.28 -20.03 -20.48
CA PHE B 20 33.29 -20.55 -19.53
C PHE B 20 31.88 -20.37 -20.08
N ALA B 21 31.52 -19.13 -20.43
CA ALA B 21 30.17 -18.86 -20.92
C ALA B 21 29.87 -19.72 -22.15
N GLN B 22 30.85 -19.88 -23.02
CA GLN B 22 30.63 -20.67 -24.23
C GLN B 22 30.33 -22.12 -23.89
N SER B 23 31.06 -22.70 -22.91
CA SER B 23 30.84 -24.10 -22.55
C SER B 23 29.58 -24.27 -21.70
N TYR B 24 29.25 -23.29 -20.88
CA TYR B 24 28.01 -23.38 -20.09
C TYR B 24 26.82 -23.57 -21.00
N GLN B 25 26.67 -22.67 -21.99
CA GLN B 25 25.53 -22.72 -22.91
C GLN B 25 25.51 -24.05 -23.66
N SER B 26 26.66 -24.64 -23.92
CA SER B 26 26.71 -25.90 -24.67
C SER B 26 26.01 -27.01 -23.91
N SER B 27 26.31 -27.15 -22.60
CA SER B 27 25.69 -28.18 -21.79
C SER B 27 24.27 -27.82 -21.36
N ALA B 28 23.99 -26.51 -21.21
CA ALA B 28 22.67 -26.11 -20.70
C ALA B 28 21.55 -26.60 -21.62
N GLU B 29 21.83 -26.73 -22.92
CA GLU B 29 20.78 -27.10 -23.85
C GLU B 29 20.19 -28.47 -23.53
N GLN B 30 21.01 -29.42 -23.13
CA GLN B 30 20.50 -30.77 -22.85
C GLN B 30 19.68 -30.79 -21.55
N VAL B 31 20.11 -30.05 -20.54
CA VAL B 31 19.36 -30.01 -19.29
C VAL B 31 18.01 -29.32 -19.52
N LEU B 32 17.99 -28.28 -20.32
CA LEU B 32 16.74 -27.58 -20.63
C LEU B 32 15.75 -28.54 -21.29
N PHE B 33 16.22 -29.34 -22.24
CA PHE B 33 15.30 -30.21 -22.98
C PHE B 33 14.63 -31.22 -22.06
N GLN B 34 15.41 -31.94 -21.23
CA GLN B 34 14.80 -32.98 -20.41
C GLN B 34 13.82 -32.39 -19.41
N SER B 35 14.07 -31.16 -18.93
CA SER B 35 13.12 -30.48 -18.08
C SER B 35 11.83 -30.14 -18.81
N VAL B 36 11.93 -29.54 -19.98
CA VAL B 36 10.72 -29.17 -20.72
C VAL B 36 9.94 -30.43 -21.11
N ALA B 37 10.65 -31.47 -21.56
CA ALA B 37 9.99 -32.73 -21.92
C ALA B 37 9.20 -33.30 -20.76
N ALA B 38 9.80 -33.35 -19.57
CA ALA B 38 9.12 -33.88 -18.41
C ALA B 38 7.93 -33.02 -18.02
N SER B 39 8.05 -31.69 -18.13
CA SER B 39 6.92 -30.84 -17.84
C SER B 39 5.79 -31.05 -18.85
N TRP B 40 6.14 -31.23 -20.12
CA TRP B 40 5.14 -31.50 -21.13
C TRP B 40 4.37 -32.78 -20.81
N ALA B 41 5.10 -33.86 -20.51
CA ALA B 41 4.47 -35.13 -20.18
C ALA B 41 3.47 -34.98 -19.05
N HIS B 42 3.81 -34.14 -18.06
CA HIS B 42 2.91 -33.94 -16.94
C HIS B 42 1.73 -33.07 -17.31
N ASP B 43 1.98 -31.92 -17.95
CA ASP B 43 0.91 -30.97 -18.20
C ASP B 43 -0.10 -31.48 -19.23
N THR B 44 0.29 -32.38 -20.12
CA THR B 44 -0.64 -32.99 -21.06
C THR B 44 -1.21 -34.32 -20.56
N ASN B 45 -0.98 -34.65 -19.30
CA ASN B 45 -1.30 -35.97 -18.76
C ASN B 45 -0.93 -35.95 -17.28
N ILE B 46 -1.78 -35.32 -16.47
CA ILE B 46 -1.48 -35.09 -15.07
C ILE B 46 -1.65 -36.44 -14.35
N THR B 47 -0.55 -37.01 -13.89
CA THR B 47 -0.59 -38.25 -13.10
C THR B 47 0.45 -38.14 -12.02
N ALA B 48 0.31 -38.97 -10.97
CA ALA B 48 1.29 -38.96 -9.91
C ALA B 48 2.67 -39.32 -10.46
N GLU B 49 2.73 -40.25 -11.39
CA GLU B 49 4.03 -40.71 -11.89
C GLU B 49 4.66 -39.65 -12.78
N ASN B 50 3.86 -38.96 -13.59
CA ASN B 50 4.42 -37.89 -14.41
C ASN B 50 4.89 -36.72 -13.55
N ALA B 51 4.23 -36.49 -12.42
CA ALA B 51 4.69 -35.47 -11.49
C ALA B 51 6.03 -35.86 -10.85
N ARG B 52 6.19 -37.13 -10.48
CA ARG B 52 7.48 -37.55 -9.93
C ARG B 52 8.61 -37.36 -10.94
N ARG B 53 8.38 -37.76 -12.19
CA ARG B 53 9.40 -37.59 -13.23
C ARG B 53 9.74 -36.12 -13.43
N GLN B 54 8.74 -35.25 -13.37
CA GLN B 54 8.99 -33.82 -13.53
C GLN B 54 9.79 -33.28 -12.36
N GLU B 55 9.51 -33.76 -11.15
CA GLU B 55 10.27 -33.31 -9.99
C GLU B 55 11.72 -33.80 -10.06
N GLU B 56 11.92 -35.01 -10.55
CA GLU B 56 13.29 -35.51 -10.72
C GLU B 56 14.02 -34.72 -11.81
N ALA B 57 13.32 -34.35 -12.89
CA ALA B 57 13.94 -33.48 -13.89
C ALA B 57 14.27 -32.11 -13.33
N ALA B 58 13.40 -31.56 -12.48
CA ALA B 58 13.68 -30.26 -11.89
C ALA B 58 14.89 -30.34 -10.95
N LEU B 59 15.04 -31.46 -10.24
CA LEU B 59 16.19 -31.64 -9.37
C LEU B 59 17.48 -31.71 -10.16
N LEU B 60 17.46 -32.40 -11.32
CA LEU B 60 18.63 -32.41 -12.18
C LEU B 60 18.97 -31.01 -12.67
N SER B 61 17.94 -30.22 -13.04
CA SER B 61 18.21 -28.85 -13.47
C SER B 61 18.84 -28.04 -12.34
N GLN B 62 18.44 -28.30 -11.10
CA GLN B 62 19.02 -27.59 -9.96
C GLN B 62 20.46 -28.02 -9.71
N GLU B 63 20.76 -29.31 -9.88
CA GLU B 63 22.13 -29.78 -9.76
C GLU B 63 23.02 -29.09 -10.78
N PHE B 64 22.53 -28.98 -12.02
CA PHE B 64 23.27 -28.30 -13.09
C PHE B 64 23.47 -26.84 -12.76
N ALA B 65 22.42 -26.16 -12.34
CA ALA B 65 22.52 -24.75 -12.03
C ALA B 65 23.49 -24.49 -10.89
N GLU B 66 23.49 -25.37 -9.88
CA GLU B 66 24.44 -25.22 -8.80
C GLU B 66 25.88 -25.41 -9.26
N ALA B 67 26.14 -26.45 -10.03
CA ALA B 67 27.52 -26.75 -10.42
C ALA B 67 28.10 -25.61 -11.27
N TRP B 68 27.33 -25.14 -12.25
CA TRP B 68 27.83 -24.07 -13.11
C TRP B 68 27.74 -22.72 -12.43
N GLY B 69 26.73 -22.49 -11.59
CA GLY B 69 26.68 -21.26 -10.82
C GLY B 69 27.83 -21.13 -9.86
N GLN B 70 28.19 -22.19 -9.16
CA GLN B 70 29.29 -22.13 -8.22
C GLN B 70 30.61 -21.94 -8.95
N LYS B 71 30.72 -22.50 -10.16
CA LYS B 71 31.95 -22.32 -10.93
C LYS B 71 32.08 -20.87 -11.40
N ALA B 72 30.97 -20.25 -11.78
CA ALA B 72 31.01 -18.82 -12.13
C ALA B 72 31.45 -17.98 -10.95
N LYS B 73 30.91 -18.24 -9.75
CA LYS B 73 31.29 -17.44 -8.60
C LYS B 73 32.71 -17.74 -8.16
N GLU B 74 33.13 -18.99 -8.26
CA GLU B 74 34.52 -19.34 -7.95
C GLU B 74 35.50 -18.51 -8.78
N LEU B 75 35.22 -18.36 -10.06
CA LEU B 75 36.19 -17.75 -10.97
C LEU B 75 35.98 -16.25 -11.19
N TYR B 76 34.78 -15.73 -10.97
CA TYR B 76 34.45 -14.39 -11.48
C TYR B 76 33.67 -13.47 -10.55
N GLU B 77 33.21 -13.93 -9.39
CA GLU B 77 32.32 -13.08 -8.60
C GLU B 77 32.91 -11.70 -8.30
N PRO B 78 34.21 -11.55 -7.99
CA PRO B 78 34.74 -10.21 -7.72
C PRO B 78 35.06 -9.39 -8.96
N ILE B 79 35.00 -9.98 -10.16
CA ILE B 79 35.51 -9.31 -11.35
C ILE B 79 34.50 -9.22 -12.48
N TRP B 80 33.41 -10.00 -12.50
CA TRP B 80 32.57 -10.02 -13.68
C TRP B 80 31.80 -8.72 -13.86
N GLN B 81 31.55 -7.98 -12.77
CA GLN B 81 30.85 -6.69 -12.87
C GLN B 81 31.72 -5.63 -13.52
N GLN B 82 33.03 -5.85 -13.61
CA GLN B 82 33.93 -4.91 -14.27
C GLN B 82 34.30 -5.36 -15.69
N PHE B 83 33.68 -6.45 -16.17
CA PHE B 83 34.05 -6.97 -17.49
C PHE B 83 33.70 -5.97 -18.57
N THR B 84 34.49 -5.98 -19.65
CA THR B 84 34.32 -4.98 -20.70
C THR B 84 33.15 -5.32 -21.63
N ASP B 85 32.80 -6.61 -21.74
CA ASP B 85 31.78 -7.04 -22.69
C ASP B 85 30.45 -7.08 -21.96
N PRO B 86 29.50 -6.17 -22.25
CA PRO B 86 28.24 -6.18 -21.49
C PRO B 86 27.38 -7.41 -21.71
N GLN B 87 27.50 -8.07 -22.88
CA GLN B 87 26.73 -9.29 -23.10
C GLN B 87 27.27 -10.43 -22.24
N LEU B 88 28.57 -10.42 -21.97
CA LEU B 88 29.18 -11.36 -21.07
C LEU B 88 28.77 -11.08 -19.63
N ARG B 89 28.72 -9.81 -19.24
CA ARG B 89 28.27 -9.47 -17.89
C ARG B 89 26.87 -10.02 -17.67
N ARG B 90 26.02 -9.92 -18.70
CA ARG B 90 24.67 -10.44 -18.63
C ARG B 90 24.66 -11.92 -18.30
N ILE B 91 25.52 -12.68 -18.97
CA ILE B 91 25.43 -14.15 -18.87
C ILE B 91 26.12 -14.65 -17.61
N ILE B 92 27.34 -14.18 -17.36
CA ILE B 92 27.96 -14.52 -16.08
C ILE B 92 27.06 -14.05 -14.94
N GLY B 93 26.38 -12.91 -15.12
CA GLY B 93 25.47 -12.43 -14.10
C GLY B 93 24.25 -13.32 -13.92
N ALA B 94 23.77 -13.94 -15.01
CA ALA B 94 22.69 -14.89 -14.88
C ALA B 94 23.14 -16.20 -14.24
N VAL B 95 24.35 -16.66 -14.61
CA VAL B 95 24.82 -17.95 -14.10
C VAL B 95 25.15 -17.86 -12.63
N ARG B 96 25.66 -16.71 -12.16
CA ARG B 96 25.88 -16.54 -10.74
C ARG B 96 24.58 -16.52 -9.94
N THR B 97 23.41 -16.48 -10.61
CA THR B 97 22.10 -16.41 -9.95
C THR B 97 21.48 -17.81 -9.93
N LEU B 98 21.54 -18.47 -8.78
CA LEU B 98 21.22 -19.88 -8.71
C LEU B 98 19.75 -20.16 -8.46
N GLY B 99 18.98 -19.17 -8.01
CA GLY B 99 17.57 -19.37 -7.76
C GLY B 99 17.36 -20.52 -6.77
N SER B 100 16.41 -21.38 -7.10
CA SER B 100 16.06 -22.49 -6.23
C SER B 100 17.23 -23.45 -6.02
N ALA B 101 18.29 -23.32 -6.83
CA ALA B 101 19.47 -24.14 -6.62
C ALA B 101 20.29 -23.71 -5.41
N ASN B 102 20.00 -22.54 -4.83
CA ASN B 102 20.62 -22.15 -3.58
C ASN B 102 20.07 -22.95 -2.41
N LEU B 103 18.90 -23.53 -2.58
CA LEU B 103 18.29 -24.29 -1.46
C LEU B 103 19.03 -25.59 -1.25
N PRO B 104 19.13 -26.06 0.01
CA PRO B 104 19.64 -27.39 0.24
C PRO B 104 18.70 -28.45 -0.34
N LEU B 105 19.26 -29.64 -0.56
CA LEU B 105 18.54 -30.69 -1.25
C LEU B 105 17.12 -30.88 -0.71
N ALA B 106 16.97 -31.01 0.61
CA ALA B 106 15.65 -31.28 1.17
C ALA B 106 14.68 -30.17 0.82
N LYS B 107 15.14 -28.92 0.80
CA LYS B 107 14.26 -27.83 0.51
C LYS B 107 14.02 -27.69 -0.98
N ARG B 108 15.01 -28.05 -1.82
CA ARG B 108 14.75 -28.18 -3.25
C ARG B 108 13.62 -29.16 -3.52
N GLN B 109 13.64 -30.32 -2.85
CA GLN B 109 12.59 -31.30 -3.05
C GLN B 109 11.24 -30.76 -2.58
N GLN B 110 11.22 -30.09 -1.42
N GLN B 110 11.22 -30.12 -1.40
CA GLN B 110 9.99 -29.46 -0.95
CA GLN B 110 10.01 -29.44 -0.93
C GLN B 110 9.48 -28.43 -1.96
C GLN B 110 9.51 -28.47 -2.00
N TYR B 111 10.39 -27.59 -2.47
CA TYR B 111 10.00 -26.57 -3.46
C TYR B 111 9.41 -27.20 -4.71
N ASN B 112 10.09 -28.20 -5.29
CA ASN B 112 9.62 -28.84 -6.49
C ASN B 112 8.27 -29.51 -6.27
N ALA B 113 8.09 -30.14 -5.11
CA ALA B 113 6.82 -30.80 -4.85
C ALA B 113 5.70 -29.79 -4.65
N LEU B 114 6.01 -28.64 -4.04
CA LEU B 114 5.00 -27.61 -3.90
C LEU B 114 4.53 -27.13 -5.27
N LEU B 115 5.46 -26.89 -6.19
CA LEU B 115 5.06 -26.43 -7.52
C LEU B 115 4.19 -27.49 -8.19
N SER B 116 4.55 -28.77 -8.06
CA SER B 116 3.78 -29.83 -8.69
C SER B 116 2.39 -29.91 -8.09
N GLN B 117 2.30 -29.83 -6.75
N GLN B 117 2.29 -29.82 -6.76
CA GLN B 117 1.02 -29.95 -6.08
CA GLN B 117 0.98 -29.98 -6.13
C GLN B 117 0.11 -28.77 -6.39
C GLN B 117 0.09 -28.76 -6.35
N MET B 118 0.67 -27.56 -6.38
CA MET B 118 -0.13 -26.37 -6.70
C MET B 118 -0.66 -26.45 -8.14
N SER B 119 0.17 -26.91 -9.07
CA SER B 119 -0.29 -27.09 -10.45
C SER B 119 -1.42 -28.09 -10.53
N ARG B 120 -1.29 -29.23 -9.83
CA ARG B 120 -2.32 -30.25 -9.88
C ARG B 120 -3.64 -29.74 -9.32
N ILE B 121 -3.58 -29.03 -8.20
CA ILE B 121 -4.79 -28.54 -7.55
C ILE B 121 -5.54 -27.60 -8.49
N TYR B 122 -4.84 -26.64 -9.06
CA TYR B 122 -5.49 -25.65 -9.94
C TYR B 122 -6.10 -26.33 -11.15
N SER B 123 -5.35 -27.20 -11.81
CA SER B 123 -5.84 -27.73 -13.08
C SER B 123 -6.75 -28.94 -12.95
N THR B 124 -6.89 -29.53 -11.77
CA THR B 124 -7.84 -30.63 -11.59
C THR B 124 -9.02 -30.24 -10.70
N ALA B 125 -9.09 -29.01 -10.22
CA ALA B 125 -10.22 -28.61 -9.39
C ALA B 125 -11.51 -28.64 -10.19
N LYS B 126 -12.59 -29.02 -9.53
CA LYS B 126 -13.91 -29.14 -10.13
C LYS B 126 -14.94 -28.49 -9.21
N VAL B 127 -16.03 -28.04 -9.80
CA VAL B 127 -17.20 -27.57 -9.09
C VAL B 127 -18.27 -28.63 -9.27
N CYS B 128 -18.68 -29.25 -8.19
CA CYS B 128 -19.68 -30.30 -8.21
C CYS B 128 -21.03 -29.75 -7.74
N LEU B 129 -22.10 -30.32 -8.28
CA LEU B 129 -23.44 -29.85 -7.99
C LEU B 129 -24.08 -30.56 -6.80
N ALA B 134 -22.08 -36.00 -7.72
CA ALA B 134 -21.83 -36.90 -8.85
C ALA B 134 -21.28 -36.12 -10.02
N THR B 135 -22.03 -35.11 -10.44
CA THR B 135 -21.77 -34.35 -11.65
C THR B 135 -20.97 -33.09 -11.32
N CYS B 136 -19.83 -32.92 -12.00
CA CYS B 136 -18.88 -31.86 -11.67
C CYS B 136 -18.41 -31.14 -12.92
N TRP B 137 -18.22 -29.84 -12.79
CA TRP B 137 -17.79 -28.99 -13.89
C TRP B 137 -16.31 -28.64 -13.75
N SER B 138 -15.60 -28.66 -14.87
CA SER B 138 -14.23 -28.17 -14.93
C SER B 138 -14.21 -26.69 -15.28
N LEU B 139 -13.08 -26.05 -14.96
CA LEU B 139 -12.93 -24.63 -15.34
C LEU B 139 -13.06 -24.45 -16.84
N ASP B 140 -12.33 -25.26 -17.61
CA ASP B 140 -12.28 -25.20 -19.06
C ASP B 140 -12.74 -26.54 -19.60
N PRO B 141 -13.88 -26.64 -20.31
CA PRO B 141 -14.74 -25.54 -20.78
C PRO B 141 -15.90 -25.15 -19.89
N ASP B 142 -16.33 -25.99 -18.94
CA ASP B 142 -17.66 -25.86 -18.37
C ASP B 142 -17.87 -24.50 -17.69
N LEU B 143 -17.02 -24.16 -16.71
CA LEU B 143 -17.27 -22.93 -15.98
C LEU B 143 -16.96 -21.71 -16.84
N THR B 144 -15.98 -21.83 -17.73
CA THR B 144 -15.70 -20.75 -18.66
C THR B 144 -16.91 -20.42 -19.53
N ASN B 145 -17.64 -21.43 -19.97
CA ASN B 145 -18.81 -21.18 -20.81
C ASN B 145 -19.96 -20.58 -20.01
N ILE B 146 -20.11 -20.96 -18.73
CA ILE B 146 -21.14 -20.34 -17.90
C ILE B 146 -20.84 -18.86 -17.71
N LEU B 147 -19.61 -18.53 -17.33
CA LEU B 147 -19.25 -17.12 -17.14
C LEU B 147 -19.43 -16.32 -18.43
N ALA B 148 -19.25 -16.95 -19.58
CA ALA B 148 -19.31 -16.23 -20.85
C ALA B 148 -20.74 -16.07 -21.37
N SER B 149 -21.60 -17.05 -21.14
CA SER B 149 -22.88 -17.09 -21.84
C SER B 149 -24.09 -17.07 -20.93
N SER B 150 -23.97 -17.44 -19.68
CA SER B 150 -25.10 -17.32 -18.76
C SER B 150 -25.28 -15.85 -18.40
N ARG B 151 -26.54 -15.45 -18.28
CA ARG B 151 -26.94 -14.12 -17.81
C ARG B 151 -27.82 -14.28 -16.58
N SER B 152 -27.76 -15.45 -15.96
CA SER B 152 -28.50 -15.69 -14.72
C SER B 152 -27.60 -15.29 -13.57
N TYR B 153 -28.02 -14.26 -12.83
CA TYR B 153 -27.18 -13.81 -11.72
C TYR B 153 -26.82 -14.97 -10.81
N ALA B 154 -27.79 -15.85 -10.52
CA ALA B 154 -27.56 -16.93 -9.56
C ALA B 154 -26.66 -18.01 -10.14
N MET B 155 -26.80 -18.31 -11.43
CA MET B 155 -25.95 -19.33 -12.05
C MET B 155 -24.52 -18.85 -12.16
N LEU B 156 -24.33 -17.61 -12.58
CA LEU B 156 -23.00 -17.02 -12.59
C LEU B 156 -22.39 -17.04 -11.19
N LEU B 157 -23.20 -16.75 -10.17
CA LEU B 157 -22.69 -16.75 -8.81
C LEU B 157 -22.27 -18.15 -8.39
N PHE B 158 -23.08 -19.15 -8.70
CA PHE B 158 -22.70 -20.52 -8.38
C PHE B 158 -21.35 -20.88 -9.00
N ALA B 159 -21.17 -20.53 -10.27
CA ALA B 159 -19.89 -20.84 -10.93
C ALA B 159 -18.73 -20.06 -10.34
N TRP B 160 -18.91 -18.75 -10.15
CA TRP B 160 -17.84 -17.91 -9.59
C TRP B 160 -17.44 -18.38 -8.20
N GLU B 161 -18.40 -18.53 -7.30
CA GLU B 161 -18.09 -18.96 -5.93
C GLU B 161 -17.54 -20.37 -5.93
N GLY B 162 -18.17 -21.28 -6.64
CA GLY B 162 -17.68 -22.64 -6.69
C GLY B 162 -16.22 -22.71 -7.10
N TRP B 163 -15.85 -21.97 -8.16
CA TRP B 163 -14.49 -22.05 -8.66
C TRP B 163 -13.49 -21.45 -7.67
N HIS B 164 -13.81 -20.28 -7.13
CA HIS B 164 -12.86 -19.62 -6.22
C HIS B 164 -12.68 -20.43 -4.95
N ASN B 165 -13.74 -21.04 -4.47
CA ASN B 165 -13.64 -21.91 -3.29
C ASN B 165 -12.86 -23.18 -3.59
N ALA B 166 -13.14 -23.84 -4.73
CA ALA B 166 -12.53 -25.13 -5.03
C ALA B 166 -11.05 -25.02 -5.31
N ALA B 167 -10.61 -23.97 -6.02
CA ALA B 167 -9.22 -23.82 -6.36
C ALA B 167 -8.45 -23.10 -5.27
N GLY B 168 -9.01 -22.01 -4.72
CA GLY B 168 -8.24 -21.15 -3.85
C GLY B 168 -7.99 -21.74 -2.48
N ILE B 169 -9.03 -22.28 -1.84
CA ILE B 169 -8.90 -22.67 -0.44
C ILE B 169 -7.79 -23.69 -0.22
N PRO B 170 -7.73 -24.78 -0.97
CA PRO B 170 -6.66 -25.78 -0.72
C PRO B 170 -5.28 -25.28 -1.09
N LEU B 171 -5.16 -24.26 -1.93
CA LEU B 171 -3.88 -23.77 -2.35
C LEU B 171 -3.17 -22.94 -1.26
N LYS B 172 -3.91 -22.36 -0.33
CA LYS B 172 -3.32 -21.30 0.48
C LYS B 172 -2.15 -21.83 1.30
N PRO B 173 -2.26 -22.95 2.01
CA PRO B 173 -1.10 -23.42 2.82
C PRO B 173 0.10 -23.68 1.96
N LEU B 174 -0.11 -24.21 0.74
CA LEU B 174 1.02 -24.51 -0.15
C LEU B 174 1.67 -23.22 -0.62
N TYR B 175 0.86 -22.22 -0.94
CA TYR B 175 1.41 -20.97 -1.46
C TYR B 175 2.22 -20.23 -0.40
N GLU B 176 1.82 -20.32 0.86
N GLU B 176 1.82 -20.31 0.86
CA GLU B 176 2.61 -19.75 1.93
CA GLU B 176 2.63 -19.73 1.92
C GLU B 176 3.99 -20.39 2.00
C GLU B 176 4.00 -20.39 1.98
N ASP B 177 4.02 -21.73 1.93
CA ASP B 177 5.31 -22.43 2.00
C ASP B 177 6.17 -22.13 0.78
N PHE B 178 5.55 -22.07 -0.41
CA PHE B 178 6.29 -21.76 -1.62
C PHE B 178 6.93 -20.39 -1.51
N THR B 179 6.17 -19.41 -1.00
CA THR B 179 6.67 -18.04 -0.95
C THR B 179 7.91 -17.96 -0.08
N ALA B 180 7.86 -18.64 1.07
CA ALA B 180 8.98 -18.63 1.99
C ALA B 180 10.20 -19.28 1.37
N LEU B 181 10.02 -20.40 0.66
CA LEU B 181 11.16 -21.08 0.07
C LEU B 181 11.71 -20.28 -1.10
N SER B 182 10.84 -19.68 -1.87
CA SER B 182 11.29 -18.88 -3.00
C SER B 182 12.14 -17.72 -2.52
N ASN B 183 11.66 -17.01 -1.50
CA ASN B 183 12.42 -15.89 -0.95
C ASN B 183 13.76 -16.37 -0.42
N GLU B 184 13.76 -17.48 0.34
CA GLU B 184 15.01 -18.00 0.86
C GLU B 184 16.00 -18.26 -0.28
N ALA B 185 15.53 -18.80 -1.39
CA ALA B 185 16.41 -19.07 -2.52
C ALA B 185 17.00 -17.80 -3.11
N TYR B 186 16.15 -16.82 -3.45
CA TYR B 186 16.65 -15.65 -4.19
C TYR B 186 17.38 -14.67 -3.29
N LYS B 187 17.12 -14.71 -1.99
CA LYS B 187 17.90 -13.88 -1.07
C LYS B 187 19.37 -14.27 -1.08
N GLN B 188 19.67 -15.55 -1.33
N GLN B 188 19.68 -15.55 -1.34
CA GLN B 188 21.07 -15.97 -1.41
CA GLN B 188 21.07 -15.97 -1.41
C GLN B 188 21.74 -15.50 -2.68
C GLN B 188 21.75 -15.47 -2.68
N ASP B 189 20.98 -15.02 -3.66
CA ASP B 189 21.50 -14.39 -4.86
C ASP B 189 21.66 -12.89 -4.72
N GLY B 190 21.29 -12.32 -3.58
CA GLY B 190 21.43 -10.90 -3.31
C GLY B 190 20.18 -10.08 -3.50
N PHE B 191 19.05 -10.69 -3.82
CA PHE B 191 17.80 -9.97 -3.97
C PHE B 191 17.05 -9.91 -2.65
N THR B 192 16.42 -8.77 -2.39
CA THR B 192 15.69 -8.62 -1.14
C THR B 192 14.54 -9.62 -1.04
N ASP B 193 13.92 -9.96 -2.17
CA ASP B 193 12.87 -10.98 -2.21
C ASP B 193 12.67 -11.40 -3.65
N THR B 194 11.81 -12.39 -3.84
CA THR B 194 11.62 -12.93 -5.20
C THR B 194 11.09 -11.86 -6.16
N GLY B 195 10.18 -10.99 -5.69
CA GLY B 195 9.66 -9.96 -6.57
C GLY B 195 10.75 -9.05 -7.11
N ALA B 196 11.75 -8.73 -6.29
CA ALA B 196 12.84 -7.88 -6.75
C ALA B 196 13.59 -8.55 -7.89
N TYR B 197 13.77 -9.87 -7.79
CA TYR B 197 14.38 -10.61 -8.88
C TYR B 197 13.47 -10.57 -10.12
N TRP B 198 12.18 -10.76 -9.94
CA TRP B 198 11.28 -10.70 -11.12
C TRP B 198 11.34 -9.32 -11.78
N ARG B 199 11.34 -8.26 -10.97
CA ARG B 199 11.38 -6.92 -11.56
C ARG B 199 12.71 -6.63 -12.24
N SER B 200 13.79 -7.29 -11.82
CA SER B 200 15.10 -7.00 -12.38
C SER B 200 15.21 -7.38 -13.85
N TRP B 201 14.31 -8.24 -14.35
CA TRP B 201 14.33 -8.61 -15.74
C TRP B 201 14.12 -7.43 -16.67
N TYR B 202 13.53 -6.34 -16.17
CA TYR B 202 13.29 -5.18 -17.03
C TYR B 202 14.44 -4.20 -17.01
N ASN B 203 15.46 -4.43 -16.17
N ASN B 203 15.45 -4.44 -16.18
CA ASN B 203 16.67 -3.60 -16.16
CA ASN B 203 16.65 -3.61 -16.08
C ASN B 203 16.33 -2.12 -16.22
C ASN B 203 16.30 -2.14 -16.23
N SER B 204 15.47 -1.68 -15.29
CA SER B 204 15.05 -0.28 -15.25
C SER B 204 14.99 0.16 -13.79
N PRO B 205 15.85 1.06 -13.34
CA PRO B 205 15.82 1.46 -11.91
C PRO B 205 14.51 2.14 -11.52
N THR B 206 13.75 2.66 -12.50
CA THR B 206 12.51 3.36 -12.24
C THR B 206 11.28 2.54 -12.68
N PHE B 207 11.40 1.22 -12.77
CA PHE B 207 10.34 0.38 -13.32
C PHE B 207 9.00 0.67 -12.68
N GLU B 208 8.92 0.59 -11.35
CA GLU B 208 7.62 0.71 -10.70
C GLU B 208 7.02 2.10 -10.89
N ASP B 209 7.85 3.14 -10.81
CA ASP B 209 7.36 4.50 -11.08
C ASP B 209 6.94 4.64 -12.53
N ASP B 210 7.73 4.08 -13.46
CA ASP B 210 7.36 4.12 -14.88
C ASP B 210 6.00 3.48 -15.12
N LEU B 211 5.72 2.35 -14.44
CA LEU B 211 4.43 1.69 -14.61
C LEU B 211 3.30 2.55 -14.05
N GLU B 212 3.52 3.16 -12.89
CA GLU B 212 2.48 3.99 -12.30
C GLU B 212 2.16 5.17 -13.20
N HIS B 213 3.19 5.74 -13.83
CA HIS B 213 2.96 6.88 -14.72
C HIS B 213 2.19 6.45 -15.96
N LEU B 214 2.46 5.24 -16.49
CA LEU B 214 1.61 4.72 -17.57
C LEU B 214 0.19 4.59 -17.10
N TYR B 215 -0.01 3.94 -15.94
CA TYR B 215 -1.37 3.68 -15.51
C TYR B 215 -2.15 4.98 -15.28
N GLN B 216 -1.48 6.02 -14.78
CA GLN B 216 -2.19 7.30 -14.63
C GLN B 216 -2.77 7.80 -15.95
N GLN B 217 -2.08 7.56 -17.04
CA GLN B 217 -2.57 8.02 -18.36
C GLN B 217 -3.73 7.16 -18.85
N LEU B 218 -3.76 5.90 -18.45
CA LEU B 218 -4.76 4.95 -18.93
C LEU B 218 -6.01 4.92 -18.07
N GLU B 219 -5.88 5.27 -16.78
CA GLU B 219 -7.01 5.08 -15.87
C GLU B 219 -8.28 5.80 -16.29
N PRO B 220 -8.24 7.01 -16.84
CA PRO B 220 -9.51 7.63 -17.24
C PRO B 220 -10.24 6.85 -18.32
N LEU B 221 -9.52 6.15 -19.18
CA LEU B 221 -10.18 5.37 -20.21
C LEU B 221 -10.91 4.20 -19.56
N TYR B 222 -10.26 3.58 -18.56
CA TYR B 222 -10.92 2.51 -17.84
C TYR B 222 -12.13 3.02 -17.08
N LEU B 223 -11.98 4.16 -16.37
CA LEU B 223 -13.10 4.64 -15.56
C LEU B 223 -14.34 4.88 -16.44
N ASN B 224 -14.15 5.42 -17.65
CA ASN B 224 -15.31 5.68 -18.50
C ASN B 224 -15.90 4.39 -19.09
N LEU B 225 -15.05 3.45 -19.51
CA LEU B 225 -15.56 2.18 -19.98
C LEU B 225 -16.34 1.48 -18.86
N HIS B 226 -15.77 1.50 -17.66
CA HIS B 226 -16.42 0.90 -16.49
C HIS B 226 -17.78 1.50 -16.22
N ALA B 227 -17.89 2.82 -16.24
CA ALA B 227 -19.18 3.44 -15.95
C ALA B 227 -20.20 3.10 -17.03
N PHE B 228 -19.76 3.05 -18.28
CA PHE B 228 -20.66 2.75 -19.41
C PHE B 228 -21.16 1.30 -19.31
N VAL B 229 -20.26 0.37 -19.02
CA VAL B 229 -20.66 -1.02 -18.88
C VAL B 229 -21.55 -1.21 -17.65
N ARG B 230 -21.20 -0.58 -16.54
CA ARG B 230 -22.01 -0.71 -15.33
C ARG B 230 -23.44 -0.27 -15.61
N ARG B 231 -23.62 0.79 -16.40
CA ARG B 231 -24.97 1.22 -16.78
C ARG B 231 -25.67 0.14 -17.62
N ALA B 232 -24.95 -0.48 -18.56
CA ALA B 232 -25.57 -1.51 -19.38
C ALA B 232 -25.98 -2.70 -18.53
N LEU B 233 -25.14 -3.07 -17.56
CA LEU B 233 -25.49 -4.16 -16.65
C LEU B 233 -26.68 -3.79 -15.78
N HIS B 234 -26.75 -2.53 -15.35
CA HIS B 234 -27.88 -2.12 -14.50
C HIS B 234 -29.20 -2.30 -15.24
N ARG B 235 -29.20 -1.98 -16.54
CA ARG B 235 -30.41 -2.13 -17.34
C ARG B 235 -30.85 -3.58 -17.47
N ARG B 236 -29.93 -4.54 -17.32
CA ARG B 236 -30.31 -5.95 -17.42
C ARG B 236 -30.59 -6.58 -16.06
N TYR B 237 -29.76 -6.30 -15.06
CA TYR B 237 -29.84 -6.98 -13.77
C TYR B 237 -30.63 -6.21 -12.71
N GLY B 238 -30.81 -4.90 -12.88
CA GLY B 238 -31.67 -4.15 -12.00
C GLY B 238 -30.93 -3.47 -10.87
N ASP B 239 -31.64 -2.57 -10.19
CA ASP B 239 -31.04 -1.76 -9.13
C ASP B 239 -30.65 -2.56 -7.90
N ARG B 240 -31.13 -3.80 -7.77
CA ARG B 240 -30.78 -4.61 -6.61
C ARG B 240 -29.38 -5.20 -6.74
N TYR B 241 -29.00 -5.63 -7.93
CA TYR B 241 -27.73 -6.30 -8.16
C TYR B 241 -26.65 -5.40 -8.73
N ILE B 242 -27.00 -4.22 -9.22
CA ILE B 242 -26.04 -3.25 -9.75
C ILE B 242 -26.23 -1.93 -9.03
N ASN B 243 -25.14 -1.41 -8.46
CA ASN B 243 -25.12 -0.10 -7.81
C ASN B 243 -24.37 0.84 -8.75
N LEU B 244 -25.09 1.84 -9.24
CA LEU B 244 -24.55 2.79 -10.22
C LEU B 244 -23.47 3.69 -9.64
N ARG B 245 -23.23 3.64 -8.34
CA ARG B 245 -22.13 4.37 -7.71
C ARG B 245 -21.19 3.44 -6.96
N GLY B 246 -21.28 2.13 -7.22
CA GLY B 246 -20.50 1.15 -6.52
C GLY B 246 -19.73 0.25 -7.45
N PRO B 247 -18.93 -0.66 -6.88
CA PRO B 247 -18.20 -1.61 -7.73
C PRO B 247 -19.16 -2.56 -8.43
N ILE B 248 -18.71 -3.08 -9.57
CA ILE B 248 -19.51 -4.08 -10.30
C ILE B 248 -19.28 -5.44 -9.66
N PRO B 249 -20.32 -6.23 -9.39
CA PRO B 249 -20.12 -7.60 -8.93
C PRO B 249 -19.22 -8.39 -9.88
N ALA B 250 -18.23 -9.10 -9.31
CA ALA B 250 -17.10 -9.59 -10.08
C ALA B 250 -17.43 -10.73 -11.03
N HIS B 251 -18.63 -11.27 -10.99
CA HIS B 251 -19.00 -12.42 -11.81
C HIS B 251 -19.87 -12.05 -13.02
N LEU B 252 -20.04 -10.76 -13.32
CA LEU B 252 -21.01 -10.34 -14.31
C LEU B 252 -20.39 -9.79 -15.60
N LEU B 253 -19.07 -9.94 -15.77
CA LEU B 253 -18.36 -9.29 -16.85
C LEU B 253 -17.88 -10.26 -17.91
N GLY B 254 -18.32 -11.52 -17.86
CA GLY B 254 -18.11 -12.47 -18.92
C GLY B 254 -16.95 -13.40 -18.73
N ASP B 255 -16.18 -13.26 -17.66
CA ASP B 255 -14.88 -13.88 -17.51
C ASP B 255 -14.70 -14.17 -16.01
N MET B 256 -14.13 -15.34 -15.70
CA MET B 256 -14.04 -15.74 -14.29
C MET B 256 -13.31 -14.70 -13.44
N TRP B 257 -12.38 -13.95 -14.02
CA TRP B 257 -11.58 -12.97 -13.29
C TRP B 257 -11.94 -11.53 -13.63
N ALA B 258 -13.01 -11.33 -14.39
CA ALA B 258 -13.42 -10.00 -14.84
C ALA B 258 -12.27 -9.30 -15.55
N GLN B 259 -11.42 -10.08 -16.24
CA GLN B 259 -10.20 -9.47 -16.80
C GLN B 259 -10.30 -9.10 -18.26
N SER B 260 -11.26 -9.69 -18.98
CA SER B 260 -11.64 -9.33 -20.33
C SER B 260 -13.16 -9.32 -20.32
N TRP B 261 -13.74 -8.27 -20.90
CA TRP B 261 -15.19 -8.10 -20.91
C TRP B 261 -15.80 -8.35 -22.29
N GLU B 262 -15.06 -8.97 -23.20
CA GLU B 262 -15.56 -9.13 -24.57
C GLU B 262 -16.87 -9.91 -24.62
N ASN B 263 -17.10 -10.82 -23.66
CA ASN B 263 -18.26 -11.66 -23.71
C ASN B 263 -19.55 -10.92 -23.41
N ILE B 264 -19.50 -9.73 -22.83
CA ILE B 264 -20.76 -8.98 -22.66
C ILE B 264 -20.93 -7.93 -23.74
N TYR B 265 -20.15 -8.02 -24.81
CA TYR B 265 -20.29 -7.06 -25.94
C TYR B 265 -21.74 -6.91 -26.41
N ASP B 266 -22.52 -7.99 -26.48
CA ASP B 266 -23.87 -7.84 -27.01
C ASP B 266 -24.72 -6.93 -26.11
N MET B 267 -24.41 -6.85 -24.81
CA MET B 267 -25.15 -5.97 -23.91
C MET B 267 -24.70 -4.52 -23.96
N VAL B 268 -23.50 -4.25 -24.47
CA VAL B 268 -22.96 -2.89 -24.46
C VAL B 268 -22.83 -2.28 -25.86
N VAL B 269 -22.92 -3.08 -26.92
CA VAL B 269 -22.73 -2.60 -28.30
C VAL B 269 -23.61 -1.38 -28.51
N PRO B 270 -23.04 -0.22 -28.87
CA PRO B 270 -23.87 0.98 -29.00
C PRO B 270 -24.77 0.99 -30.23
N PHE B 271 -24.32 0.45 -31.37
CA PHE B 271 -25.10 0.54 -32.61
C PHE B 271 -25.34 -0.87 -33.13
N PRO B 272 -26.30 -1.58 -32.55
CA PRO B 272 -26.53 -2.99 -32.93
C PRO B 272 -27.00 -3.21 -34.37
N ASP B 273 -27.46 -2.17 -35.07
CA ASP B 273 -27.90 -2.35 -36.45
C ASP B 273 -26.75 -2.50 -37.44
N LYS B 274 -25.52 -2.28 -37.00
CA LYS B 274 -24.34 -2.42 -37.84
C LYS B 274 -23.89 -3.89 -37.84
N PRO B 275 -22.91 -4.24 -38.68
CA PRO B 275 -22.43 -5.63 -38.69
C PRO B 275 -22.03 -6.12 -37.31
N ASN B 276 -22.41 -7.37 -37.00
CA ASN B 276 -22.04 -7.99 -35.73
C ASN B 276 -20.56 -8.36 -35.73
N LEU B 277 -19.77 -7.66 -34.93
CA LEU B 277 -18.32 -7.87 -34.94
C LEU B 277 -17.87 -9.05 -34.11
N ASP B 278 -18.76 -9.68 -33.34
CA ASP B 278 -18.44 -10.94 -32.68
C ASP B 278 -18.79 -12.07 -33.64
N VAL B 279 -17.76 -12.68 -34.23
CA VAL B 279 -17.94 -13.62 -35.29
C VAL B 279 -17.98 -15.05 -34.78
N THR B 280 -18.01 -15.24 -33.46
CA THR B 280 -18.13 -16.58 -32.93
C THR B 280 -19.25 -17.37 -33.58
N SER B 281 -20.44 -16.77 -33.67
CA SER B 281 -21.58 -17.49 -34.22
C SER B 281 -21.34 -17.91 -35.66
N THR B 282 -20.59 -17.10 -36.42
CA THR B 282 -20.26 -17.45 -37.78
C THR B 282 -19.21 -18.55 -37.83
N MET B 283 -18.23 -18.52 -36.91
CA MET B 283 -17.28 -19.63 -36.88
C MET B 283 -18.01 -20.95 -36.62
N LEU B 284 -18.98 -20.94 -35.69
CA LEU B 284 -19.73 -22.16 -35.40
C LEU B 284 -20.60 -22.55 -36.59
N GLN B 285 -21.31 -21.58 -37.16
CA GLN B 285 -22.15 -21.86 -38.34
C GLN B 285 -21.33 -22.49 -39.46
N GLN B 286 -20.09 -22.02 -39.65
CA GLN B 286 -19.22 -22.49 -40.72
C GLN B 286 -18.44 -23.76 -40.40
N GLY B 287 -18.50 -24.26 -39.16
CA GLY B 287 -17.82 -25.49 -38.84
C GLY B 287 -16.34 -25.36 -38.55
N TRP B 288 -15.91 -24.20 -38.08
CA TRP B 288 -14.51 -24.06 -37.68
C TRP B 288 -14.17 -25.03 -36.55
N GLN B 289 -12.97 -25.60 -36.63
CA GLN B 289 -12.40 -26.43 -35.58
C GLN B 289 -11.08 -25.83 -35.13
N ALA B 290 -10.51 -26.40 -34.07
CA ALA B 290 -9.23 -25.90 -33.59
C ALA B 290 -8.19 -25.88 -34.70
N THR B 291 -8.08 -26.96 -35.46
CA THR B 291 -7.02 -27.02 -36.46
C THR B 291 -7.17 -25.91 -37.50
N HIS B 292 -8.40 -25.54 -37.86
CA HIS B 292 -8.60 -24.42 -38.79
C HIS B 292 -8.07 -23.13 -38.18
N MET B 293 -8.37 -22.90 -36.91
CA MET B 293 -7.95 -21.67 -36.24
C MET B 293 -6.44 -21.54 -36.25
N PHE B 294 -5.73 -22.64 -35.98
CA PHE B 294 -4.26 -22.60 -35.99
C PHE B 294 -3.71 -22.45 -37.40
N ARG B 295 -4.40 -23.03 -38.41
CA ARG B 295 -3.93 -22.85 -39.80
C ARG B 295 -4.14 -21.43 -40.29
N VAL B 296 -5.24 -20.80 -39.88
CA VAL B 296 -5.48 -19.41 -40.29
C VAL B 296 -4.48 -18.47 -39.61
N ALA B 297 -4.19 -18.71 -38.34
CA ALA B 297 -3.16 -17.93 -37.67
C ALA B 297 -1.82 -18.10 -38.37
N GLU B 298 -1.46 -19.34 -38.68
CA GLU B 298 -0.19 -19.61 -39.36
C GLU B 298 -0.09 -18.84 -40.65
N GLU B 299 -1.17 -18.83 -41.43
CA GLU B 299 -1.11 -18.19 -42.73
C GLU B 299 -0.91 -16.69 -42.61
N PHE B 300 -1.38 -16.07 -41.52
CA PHE B 300 -1.05 -14.66 -41.33
C PHE B 300 0.45 -14.47 -41.18
N PHE B 301 1.09 -15.34 -40.37
CA PHE B 301 2.54 -15.27 -40.19
C PHE B 301 3.27 -15.46 -41.53
N THR B 302 2.85 -16.47 -42.32
CA THR B 302 3.56 -16.70 -43.58
C THR B 302 3.29 -15.57 -44.58
N SER B 303 2.14 -14.90 -44.48
CA SER B 303 1.85 -13.78 -45.37
C SER B 303 2.86 -12.67 -45.19
N LEU B 304 3.43 -12.56 -43.98
CA LEU B 304 4.48 -11.60 -43.65
C LEU B 304 5.86 -12.13 -44.01
N GLU B 305 5.93 -13.31 -44.62
CA GLU B 305 7.20 -14.00 -44.88
C GLU B 305 7.94 -14.34 -43.60
N LEU B 306 7.17 -14.58 -42.54
CA LEU B 306 7.74 -15.21 -41.34
C LEU B 306 7.59 -16.74 -41.48
N SER B 307 7.99 -17.48 -40.46
CA SER B 307 8.13 -18.91 -40.68
C SER B 307 6.80 -19.65 -40.49
N PRO B 308 6.51 -20.69 -41.27
CA PRO B 308 5.36 -21.55 -40.96
C PRO B 308 5.68 -22.38 -39.74
N MET B 309 4.66 -23.05 -39.18
CA MET B 309 4.93 -23.99 -38.09
C MET B 309 5.56 -25.27 -38.67
N PRO B 310 6.60 -25.80 -38.03
CA PRO B 310 7.26 -26.98 -38.58
C PRO B 310 6.43 -28.23 -38.36
N PRO B 311 6.75 -29.33 -39.05
CA PRO B 311 5.98 -30.56 -38.83
C PRO B 311 5.96 -30.98 -37.37
N GLU B 312 7.07 -30.77 -36.65
CA GLU B 312 7.16 -31.16 -35.26
C GLU B 312 6.10 -30.47 -34.42
N PHE B 313 5.72 -29.26 -34.81
CA PHE B 313 4.67 -28.53 -34.08
C PHE B 313 3.32 -29.21 -34.27
N TRP B 314 2.98 -29.56 -35.53
CA TRP B 314 1.68 -30.17 -35.77
C TRP B 314 1.61 -31.56 -35.16
N GLU B 315 2.69 -32.33 -35.24
CA GLU B 315 2.63 -33.69 -34.75
C GLU B 315 2.61 -33.74 -33.22
N GLY B 316 3.22 -32.77 -32.55
CA GLY B 316 3.41 -32.86 -31.12
C GLY B 316 2.46 -32.04 -30.27
N SER B 317 1.86 -31.01 -30.88
CA SER B 317 1.07 -30.06 -30.11
C SER B 317 -0.22 -30.70 -29.62
N MET B 318 -0.76 -30.13 -28.53
CA MET B 318 -2.07 -30.51 -28.00
C MET B 318 -2.98 -29.32 -28.26
N LEU B 319 -3.83 -29.43 -29.29
CA LEU B 319 -4.62 -28.27 -29.73
C LEU B 319 -6.08 -28.34 -29.31
N GLU B 320 -6.49 -29.43 -28.68
CA GLU B 320 -7.82 -29.63 -28.17
C GLU B 320 -7.69 -30.34 -26.82
N LYS B 321 -8.67 -30.11 -25.94
CA LYS B 321 -8.73 -30.90 -24.72
C LYS B 321 -8.91 -32.37 -25.06
N PRO B 322 -8.09 -33.27 -24.50
CA PRO B 322 -8.23 -34.70 -24.82
C PRO B 322 -9.58 -35.25 -24.38
N ALA B 323 -10.14 -36.10 -25.23
CA ALA B 323 -11.41 -36.75 -24.94
C ALA B 323 -11.23 -38.15 -24.37
N ASP B 324 -10.00 -38.53 -24.00
CA ASP B 324 -9.73 -39.84 -23.43
C ASP B 324 -9.79 -39.86 -21.91
N GLY B 325 -10.48 -38.91 -21.32
CA GLY B 325 -10.57 -38.77 -19.87
C GLY B 325 -9.44 -37.98 -19.23
N ARG B 326 -8.22 -38.14 -19.73
CA ARG B 326 -7.05 -37.78 -18.95
C ARG B 326 -7.05 -36.31 -18.59
N GLU B 327 -6.46 -36.01 -17.43
CA GLU B 327 -6.41 -34.64 -16.90
C GLU B 327 -5.24 -33.90 -17.49
N VAL B 328 -5.47 -32.63 -17.86
CA VAL B 328 -4.46 -31.79 -18.47
C VAL B 328 -4.53 -30.40 -17.86
N VAL B 329 -3.44 -29.67 -18.03
CA VAL B 329 -3.40 -28.23 -17.76
C VAL B 329 -3.98 -27.55 -19.00
N CYS B 330 -5.17 -26.99 -18.85
CA CYS B 330 -5.84 -26.46 -20.03
C CYS B 330 -5.43 -25.04 -20.38
N HIS B 331 -4.79 -24.32 -19.46
CA HIS B 331 -4.40 -22.95 -19.76
C HIS B 331 -3.44 -22.91 -20.95
N ALA B 332 -3.72 -22.01 -21.89
CA ALA B 332 -2.98 -21.99 -23.16
C ALA B 332 -1.54 -21.60 -22.91
N SER B 333 -0.61 -22.32 -23.56
CA SER B 333 0.81 -22.01 -23.41
C SER B 333 1.59 -22.48 -24.63
N ALA B 334 2.77 -21.89 -24.80
CA ALA B 334 3.65 -22.15 -25.92
C ALA B 334 4.99 -22.65 -25.41
N TRP B 335 5.55 -23.67 -26.06
CA TRP B 335 6.65 -24.44 -25.54
C TRP B 335 7.85 -24.48 -26.47
N ASP B 336 9.01 -24.08 -25.94
CA ASP B 336 10.30 -24.25 -26.60
C ASP B 336 11.01 -25.38 -25.88
N PHE B 337 11.35 -26.45 -26.61
CA PHE B 337 12.08 -27.57 -25.99
C PHE B 337 13.58 -27.39 -26.00
N TYR B 338 14.09 -26.26 -26.53
CA TYR B 338 15.52 -25.93 -26.47
C TYR B 338 16.40 -26.94 -27.19
N ASN B 339 15.85 -27.64 -28.19
CA ASN B 339 16.65 -28.49 -29.06
C ASN B 339 16.59 -27.99 -30.51
N ARG B 340 16.03 -26.82 -30.75
CA ARG B 340 15.95 -26.18 -32.06
C ARG B 340 15.06 -26.96 -33.03
N LYS B 341 14.30 -27.94 -32.55
CA LYS B 341 13.48 -28.79 -33.40
C LYS B 341 12.03 -28.80 -32.93
N ASP B 342 11.83 -29.00 -31.63
CA ASP B 342 10.50 -29.19 -31.07
C ASP B 342 9.97 -27.91 -30.45
N PHE B 343 8.80 -27.51 -30.91
CA PHE B 343 8.08 -26.32 -30.49
C PHE B 343 6.61 -26.71 -30.50
N ARG B 344 5.87 -26.41 -29.43
CA ARG B 344 4.52 -26.92 -29.34
C ARG B 344 3.63 -25.92 -28.62
N ILE B 345 2.35 -25.97 -28.92
CA ILE B 345 1.32 -25.25 -28.16
C ILE B 345 0.48 -26.29 -27.45
N LYS B 346 0.09 -25.97 -26.22
CA LYS B 346 -0.86 -26.77 -25.45
C LYS B 346 -2.04 -25.85 -25.15
N GLN B 347 -3.18 -26.10 -25.79
CA GLN B 347 -4.36 -25.28 -25.58
C GLN B 347 -5.61 -26.14 -25.70
N CYS B 348 -6.54 -25.99 -24.76
CA CYS B 348 -7.85 -26.65 -24.81
C CYS B 348 -8.78 -25.76 -25.65
N THR B 349 -8.46 -25.70 -26.94
CA THR B 349 -9.05 -24.70 -27.83
C THR B 349 -10.55 -24.89 -27.98
N ARG B 350 -11.28 -23.79 -27.83
CA ARG B 350 -12.70 -23.70 -28.07
C ARG B 350 -12.94 -22.80 -29.28
N VAL B 351 -14.01 -23.07 -30.01
CA VAL B 351 -14.28 -22.37 -31.27
C VAL B 351 -15.00 -21.06 -30.94
N THR B 352 -14.22 -20.01 -30.68
CA THR B 352 -14.74 -18.68 -30.42
C THR B 352 -13.77 -17.65 -30.98
N MET B 353 -14.26 -16.43 -31.13
CA MET B 353 -13.39 -15.36 -31.64
C MET B 353 -12.27 -15.02 -30.65
N ASP B 354 -12.57 -14.98 -29.36
CA ASP B 354 -11.51 -14.70 -28.39
C ASP B 354 -10.49 -15.83 -28.36
N GLN B 355 -10.92 -17.07 -28.57
CA GLN B 355 -9.97 -18.16 -28.67
C GLN B 355 -9.12 -18.05 -29.94
N LEU B 356 -9.68 -17.51 -31.02
CA LEU B 356 -8.85 -17.26 -32.19
C LEU B 356 -7.73 -16.27 -31.86
N SER B 357 -8.06 -15.24 -31.09
CA SER B 357 -7.04 -14.30 -30.62
C SER B 357 -6.01 -15.00 -29.73
N THR B 358 -6.47 -15.86 -28.82
CA THR B 358 -5.54 -16.62 -27.99
C THR B 358 -4.62 -17.49 -28.84
N VAL B 359 -5.15 -18.13 -29.89
CA VAL B 359 -4.29 -18.90 -30.80
C VAL B 359 -3.18 -18.04 -31.39
N HIS B 360 -3.50 -16.83 -31.81
CA HIS B 360 -2.48 -15.94 -32.35
C HIS B 360 -1.46 -15.56 -31.28
N HIS B 361 -1.93 -15.27 -30.08
CA HIS B 361 -1.04 -14.98 -28.94
C HIS B 361 -0.03 -16.11 -28.75
N GLU B 362 -0.52 -17.36 -28.73
CA GLU B 362 0.39 -18.48 -28.52
C GLU B 362 1.29 -18.69 -29.75
N MET B 363 0.77 -18.52 -30.94
CA MET B 363 1.63 -18.70 -32.10
C MET B 363 2.69 -17.60 -32.18
N GLY B 364 2.42 -16.41 -31.61
CA GLY B 364 3.45 -15.39 -31.53
C GLY B 364 4.67 -15.86 -30.74
N HIS B 365 4.45 -16.60 -29.65
CA HIS B 365 5.54 -17.17 -28.91
C HIS B 365 6.34 -18.12 -29.78
N ILE B 366 5.63 -19.00 -30.51
CA ILE B 366 6.31 -20.01 -31.29
C ILE B 366 7.17 -19.34 -32.35
N GLN B 367 6.63 -18.27 -32.97
CA GLN B 367 7.38 -17.57 -34.01
C GLN B 367 8.66 -16.99 -33.42
N TYR B 368 8.57 -16.41 -32.22
CA TYR B 368 9.75 -15.92 -31.51
C TYR B 368 10.77 -17.05 -31.37
N TYR B 369 10.32 -18.23 -30.88
CA TYR B 369 11.24 -19.35 -30.70
C TYR B 369 11.89 -19.75 -32.02
N LEU B 370 11.12 -19.76 -33.10
CA LEU B 370 11.67 -20.18 -34.39
C LEU B 370 12.73 -19.20 -34.87
N GLN B 371 12.52 -17.92 -34.61
CA GLN B 371 13.44 -16.90 -35.13
C GLN B 371 14.75 -16.85 -34.34
N TYR B 372 14.75 -17.16 -33.06
CA TYR B 372 15.98 -17.06 -32.28
C TYR B 372 16.54 -18.42 -31.86
N LYS B 373 16.11 -19.50 -32.52
CA LYS B 373 16.52 -20.82 -32.07
C LYS B 373 18.02 -21.07 -32.23
N ASP B 374 18.70 -20.28 -33.05
CA ASP B 374 20.14 -20.50 -33.26
C ASP B 374 21.01 -19.59 -32.38
N LEU B 375 20.40 -18.75 -31.57
CA LEU B 375 21.16 -18.04 -30.53
C LEU B 375 21.56 -19.01 -29.43
N PRO B 376 22.57 -18.66 -28.65
CA PRO B 376 22.88 -19.47 -27.46
C PRO B 376 21.73 -19.45 -26.48
N VAL B 377 21.58 -20.56 -25.75
CA VAL B 377 20.33 -20.82 -25.04
C VAL B 377 19.98 -19.69 -24.08
N SER B 378 20.99 -19.08 -23.46
CA SER B 378 20.70 -18.07 -22.45
C SER B 378 20.01 -16.85 -23.05
N LEU B 379 20.19 -16.62 -24.35
CA LEU B 379 19.62 -15.48 -25.06
C LEU B 379 18.34 -15.82 -25.81
N ARG B 380 17.82 -17.03 -25.64
CA ARG B 380 16.56 -17.45 -26.27
C ARG B 380 15.42 -17.08 -25.34
N ARG B 381 15.12 -15.79 -25.33
CA ARG B 381 13.99 -15.26 -24.58
C ARG B 381 13.65 -13.91 -25.22
N GLY B 382 12.60 -13.27 -24.73
CA GLY B 382 12.21 -12.01 -25.28
C GLY B 382 13.18 -10.92 -24.89
N ALA B 383 13.16 -9.81 -25.63
CA ALA B 383 13.99 -8.68 -25.18
C ALA B 383 13.65 -8.30 -23.75
N ASN B 384 12.37 -8.33 -23.39
CA ASN B 384 11.95 -8.52 -22.00
C ASN B 384 10.71 -9.42 -22.06
N PRO B 385 10.20 -9.93 -20.94
CA PRO B 385 9.06 -10.85 -21.04
C PRO B 385 7.82 -10.23 -21.67
N GLY B 386 7.62 -8.93 -21.51
CA GLY B 386 6.48 -8.29 -22.17
C GLY B 386 6.56 -8.32 -23.70
N PHE B 387 7.77 -8.30 -24.26
CA PHE B 387 7.92 -8.47 -25.71
C PHE B 387 7.36 -9.81 -26.14
N HIS B 388 7.71 -10.89 -25.42
CA HIS B 388 7.23 -12.20 -25.79
C HIS B 388 5.71 -12.26 -25.82
N GLU B 389 5.07 -11.66 -24.83
CA GLU B 389 3.64 -11.71 -24.72
C GLU B 389 2.95 -10.80 -25.75
N ALA B 390 3.68 -9.88 -26.39
CA ALA B 390 3.02 -8.95 -27.29
C ALA B 390 3.00 -9.39 -28.75
N ILE B 391 3.86 -10.33 -29.17
CA ILE B 391 4.05 -10.57 -30.60
C ILE B 391 2.74 -11.02 -31.25
N GLY B 392 2.10 -12.05 -30.71
CA GLY B 392 0.89 -12.57 -31.32
C GLY B 392 -0.27 -11.61 -31.21
N ASP B 393 -0.34 -10.86 -30.13
CA ASP B 393 -1.40 -9.89 -29.93
C ASP B 393 -1.32 -8.81 -31.02
N VAL B 394 -0.12 -8.45 -31.45
CA VAL B 394 0.02 -7.42 -32.50
C VAL B 394 -0.64 -7.91 -33.77
N LEU B 395 -0.36 -9.15 -34.15
CA LEU B 395 -1.01 -9.67 -35.36
C LEU B 395 -2.53 -9.74 -35.19
N ALA B 396 -2.98 -10.20 -34.02
CA ALA B 396 -4.41 -10.30 -33.78
C ALA B 396 -5.10 -8.93 -33.88
N LEU B 397 -4.37 -7.83 -33.59
CA LEU B 397 -4.95 -6.51 -33.82
C LEU B 397 -5.35 -6.32 -35.28
N SER B 398 -4.53 -6.81 -36.20
CA SER B 398 -4.91 -6.72 -37.63
C SER B 398 -6.02 -7.70 -37.96
N VAL B 399 -5.97 -8.92 -37.39
CA VAL B 399 -6.94 -9.95 -37.76
C VAL B 399 -8.34 -9.52 -37.36
N SER B 400 -8.46 -8.82 -36.24
CA SER B 400 -9.79 -8.50 -35.71
C SER B 400 -10.45 -7.35 -36.45
N THR B 401 -9.74 -6.66 -37.31
CA THR B 401 -10.37 -5.55 -38.01
C THR B 401 -11.51 -6.07 -38.89
N PRO B 402 -12.62 -5.33 -38.99
CA PRO B 402 -13.69 -5.76 -39.90
C PRO B 402 -13.23 -6.06 -41.31
N GLU B 403 -12.29 -5.28 -41.86
CA GLU B 403 -11.82 -5.53 -43.21
C GLU B 403 -11.08 -6.86 -43.30
N HIS B 404 -10.32 -7.22 -42.29
CA HIS B 404 -9.63 -8.49 -42.37
C HIS B 404 -10.60 -9.65 -42.16
N LEU B 405 -11.53 -9.50 -41.21
CA LEU B 405 -12.54 -10.54 -41.00
C LEU B 405 -13.30 -10.80 -42.28
N HIS B 406 -13.61 -9.75 -43.04
CA HIS B 406 -14.24 -9.94 -44.34
C HIS B 406 -13.37 -10.78 -45.27
N LYS B 407 -12.06 -10.51 -45.28
CA LYS B 407 -11.17 -11.23 -46.18
C LYS B 407 -11.14 -12.73 -45.86
N ILE B 408 -11.22 -13.11 -44.60
CA ILE B 408 -11.19 -14.52 -44.22
C ILE B 408 -12.61 -15.11 -44.10
N GLY B 409 -13.61 -14.41 -44.60
CA GLY B 409 -14.95 -14.94 -44.73
C GLY B 409 -15.77 -14.96 -43.46
N LEU B 410 -15.35 -14.23 -42.43
CA LEU B 410 -16.04 -14.22 -41.14
C LEU B 410 -16.99 -13.03 -40.99
N LEU B 411 -17.07 -12.16 -42.00
CA LEU B 411 -17.92 -10.97 -41.90
C LEU B 411 -18.30 -10.61 -43.32
N ASP B 412 -19.56 -10.85 -43.68
CA ASP B 412 -19.99 -10.63 -45.04
C ASP B 412 -20.04 -9.15 -45.36
N ARG B 413 -20.68 -8.37 -44.50
CA ARG B 413 -20.89 -6.94 -44.73
C ARG B 413 -19.72 -6.16 -44.15
N VAL B 414 -19.22 -5.20 -44.91
CA VAL B 414 -18.21 -4.27 -44.40
C VAL B 414 -18.75 -2.86 -44.56
N THR B 415 -18.50 -2.02 -43.57
CA THR B 415 -18.99 -0.66 -43.53
C THR B 415 -17.86 0.21 -42.99
N ASN B 416 -17.78 1.45 -43.48
CA ASN B 416 -16.76 2.38 -43.00
C ASN B 416 -17.49 3.66 -42.62
N ASP B 417 -17.97 3.71 -41.38
CA ASP B 417 -18.70 4.88 -40.88
C ASP B 417 -18.44 5.00 -39.37
N THR B 418 -18.81 6.16 -38.82
CA THR B 418 -18.40 6.45 -37.47
C THR B 418 -19.06 5.52 -36.48
N GLU B 419 -20.30 5.07 -36.77
CA GLU B 419 -20.97 4.15 -35.85
C GLU B 419 -20.25 2.81 -35.80
N SER B 420 -19.89 2.28 -36.98
CA SER B 420 -19.16 1.02 -37.02
C SER B 420 -17.82 1.12 -36.34
N ASP B 421 -17.14 2.28 -36.48
CA ASP B 421 -15.85 2.47 -35.76
C ASP B 421 -16.03 2.46 -34.26
N ILE B 422 -17.10 3.08 -33.76
CA ILE B 422 -17.35 3.09 -32.32
C ILE B 422 -17.66 1.67 -31.82
N ASN B 423 -18.48 0.92 -32.57
CA ASN B 423 -18.72 -0.47 -32.20
C ASN B 423 -17.41 -1.23 -32.10
N TYR B 424 -16.53 -1.06 -33.10
CA TYR B 424 -15.31 -1.84 -33.14
C TYR B 424 -14.39 -1.45 -31.99
N LEU B 425 -14.19 -0.14 -31.80
CA LEU B 425 -13.31 0.33 -30.71
C LEU B 425 -13.85 -0.02 -29.34
N LEU B 426 -15.18 -0.02 -29.18
CA LEU B 426 -15.75 -0.46 -27.90
C LEU B 426 -15.48 -1.93 -27.67
N LYS B 427 -15.65 -2.76 -28.71
CA LYS B 427 -15.34 -4.17 -28.55
C LYS B 427 -13.86 -4.36 -28.19
N MET B 428 -12.97 -3.63 -28.86
CA MET B 428 -11.56 -3.75 -28.54
C MET B 428 -11.26 -3.23 -27.15
N ALA B 429 -11.97 -2.20 -26.70
CA ALA B 429 -11.72 -1.69 -25.35
C ALA B 429 -12.14 -2.73 -24.31
N LEU B 430 -13.22 -3.47 -24.58
CA LEU B 430 -13.64 -4.51 -23.64
C LEU B 430 -12.56 -5.55 -23.45
N GLU B 431 -11.73 -5.74 -24.45
CA GLU B 431 -10.66 -6.73 -24.40
C GLU B 431 -9.34 -6.15 -23.92
N LYS B 432 -9.03 -4.92 -24.32
CA LYS B 432 -7.71 -4.33 -24.07
C LYS B 432 -7.72 -3.33 -22.91
N ILE B 433 -8.72 -2.44 -22.84
N ILE B 433 -8.70 -2.43 -22.86
CA ILE B 433 -8.73 -1.44 -21.78
CA ILE B 433 -8.75 -1.45 -21.78
C ILE B 433 -9.24 -2.05 -20.47
C ILE B 433 -9.18 -2.12 -20.48
N ALA B 434 -10.23 -2.96 -20.55
CA ALA B 434 -10.74 -3.60 -19.34
C ALA B 434 -9.64 -4.42 -18.64
N PHE B 435 -8.72 -4.99 -19.41
CA PHE B 435 -7.69 -5.81 -18.83
C PHE B 435 -6.67 -5.00 -18.03
N LEU B 436 -6.40 -3.75 -18.44
CA LEU B 436 -5.27 -2.99 -17.88
C LEU B 436 -5.22 -2.96 -16.35
N PRO B 437 -6.27 -2.60 -15.63
CA PRO B 437 -6.17 -2.65 -14.17
C PRO B 437 -5.80 -4.02 -13.62
N PHE B 438 -6.30 -5.09 -14.21
CA PHE B 438 -6.01 -6.44 -13.74
C PHE B 438 -4.57 -6.80 -14.06
N GLY B 439 -4.11 -6.49 -15.28
CA GLY B 439 -2.72 -6.75 -15.62
C GLY B 439 -1.75 -6.03 -14.72
N TYR B 440 -2.15 -4.86 -14.22
CA TYR B 440 -1.29 -4.08 -13.33
C TYR B 440 -1.34 -4.60 -11.89
N LEU B 441 -2.51 -5.00 -11.43
CA LEU B 441 -2.64 -5.30 -9.99
C LEU B 441 -2.11 -6.65 -9.59
N VAL B 442 -2.11 -7.65 -10.45
CA VAL B 442 -1.79 -9.01 -9.97
C VAL B 442 -0.40 -9.03 -9.32
N ASP B 443 0.59 -8.49 -10.00
CA ASP B 443 1.91 -8.51 -9.41
C ASP B 443 2.12 -7.43 -8.36
N GLN B 444 1.29 -6.39 -8.28
CA GLN B 444 1.34 -5.56 -7.10
C GLN B 444 1.00 -6.43 -5.89
N TRP B 445 -0.01 -7.28 -6.05
CA TRP B 445 -0.36 -8.21 -4.94
C TRP B 445 0.82 -9.13 -4.61
N ARG B 446 1.38 -9.75 -5.63
CA ARG B 446 2.43 -10.74 -5.43
C ARG B 446 3.72 -10.10 -4.96
N TRP B 447 4.06 -8.91 -5.47
CA TRP B 447 5.22 -8.19 -4.92
C TRP B 447 5.07 -7.94 -3.43
N GLY B 448 3.85 -7.61 -2.99
CA GLY B 448 3.62 -7.40 -1.58
C GLY B 448 3.70 -8.67 -0.77
N VAL B 449 3.28 -9.79 -1.34
CA VAL B 449 3.44 -11.06 -0.65
C VAL B 449 4.91 -11.41 -0.53
N PHE B 450 5.66 -11.28 -1.62
CA PHE B 450 7.07 -11.64 -1.57
C PHE B 450 7.82 -10.72 -0.62
N SER B 451 7.45 -9.45 -0.57
CA SER B 451 8.18 -8.52 0.32
C SER B 451 7.79 -8.68 1.78
N GLY B 452 6.72 -9.39 2.07
CA GLY B 452 6.22 -9.50 3.43
C GLY B 452 5.26 -8.41 3.83
N ARG B 453 4.99 -7.44 2.96
CA ARG B 453 3.96 -6.46 3.27
C ARG B 453 2.60 -7.12 3.43
N THR B 454 2.35 -8.20 2.70
CA THR B 454 1.11 -8.95 2.75
C THR B 454 1.41 -10.33 3.29
N PRO B 455 1.28 -10.52 4.60
CA PRO B 455 1.42 -11.86 5.16
C PRO B 455 0.23 -12.73 4.84
N PRO B 456 0.32 -14.03 5.13
CA PRO B 456 -0.83 -14.92 4.90
C PRO B 456 -2.14 -14.42 5.52
N SER B 457 -2.06 -13.78 6.69
CA SER B 457 -3.23 -13.24 7.37
C SER B 457 -3.93 -12.12 6.58
N ARG B 458 -3.32 -11.63 5.51
CA ARG B 458 -3.94 -10.58 4.69
C ARG B 458 -3.98 -10.93 3.21
N TYR B 459 -3.75 -12.19 2.85
CA TYR B 459 -3.72 -12.54 1.42
C TYR B 459 -4.98 -12.06 0.69
N ASN B 460 -6.16 -12.35 1.24
CA ASN B 460 -7.43 -12.05 0.55
C ASN B 460 -7.87 -10.62 0.78
N PHE B 461 -7.62 -10.09 1.97
CA PHE B 461 -7.89 -8.69 2.26
C PHE B 461 -7.17 -7.79 1.26
N ASP B 462 -5.89 -8.05 1.05
CA ASP B 462 -5.10 -7.21 0.13
C ASP B 462 -5.44 -7.48 -1.32
N TRP B 463 -5.74 -8.73 -1.68
CA TRP B 463 -6.22 -9.04 -3.02
C TRP B 463 -7.45 -8.23 -3.36
N TRP B 464 -8.45 -8.26 -2.48
CA TRP B 464 -9.68 -7.55 -2.80
C TRP B 464 -9.54 -6.06 -2.63
N TYR B 465 -8.64 -5.58 -1.77
CA TYR B 465 -8.33 -4.17 -1.77
C TYR B 465 -7.89 -3.71 -3.16
N LEU B 466 -7.00 -4.47 -3.77
CA LEU B 466 -6.47 -4.10 -5.07
C LEU B 466 -7.49 -4.32 -6.19
N ARG B 467 -8.26 -5.39 -6.11
CA ARG B 467 -9.32 -5.64 -7.11
C ARG B 467 -10.32 -4.50 -7.13
N THR B 468 -10.70 -4.01 -5.95
CA THR B 468 -11.63 -2.89 -5.90
C THR B 468 -10.95 -1.60 -6.31
N LYS B 469 -9.75 -1.35 -5.79
CA LYS B 469 -9.03 -0.11 -6.11
C LYS B 469 -8.86 0.08 -7.62
N TYR B 470 -8.40 -0.95 -8.32
CA TYR B 470 -8.06 -0.81 -9.72
C TYR B 470 -9.22 -1.20 -10.64
N GLN B 471 -9.80 -2.36 -10.41
CA GLN B 471 -10.85 -2.81 -11.33
C GLN B 471 -12.23 -2.28 -10.97
N GLY B 472 -12.43 -1.82 -9.74
CA GLY B 472 -13.79 -1.38 -9.39
C GLY B 472 -14.79 -2.50 -9.44
N ILE B 473 -14.42 -3.66 -8.90
CA ILE B 473 -15.31 -4.81 -8.75
C ILE B 473 -15.31 -5.22 -7.29
N CYS B 474 -16.33 -5.99 -6.93
CA CYS B 474 -16.49 -6.54 -5.58
C CYS B 474 -16.90 -7.99 -5.68
N PRO B 475 -16.52 -8.83 -4.69
CA PRO B 475 -16.95 -10.19 -4.71
C PRO B 475 -18.44 -10.27 -4.49
N PRO B 476 -19.13 -11.15 -5.22
CA PRO B 476 -20.60 -11.23 -5.08
C PRO B 476 -21.06 -12.02 -3.88
N VAL B 477 -20.16 -12.71 -3.17
CA VAL B 477 -20.46 -13.32 -1.88
C VAL B 477 -19.36 -12.87 -0.92
N THR B 478 -19.66 -12.95 0.37
CA THR B 478 -18.69 -12.56 1.38
C THR B 478 -17.46 -13.46 1.34
N ARG B 479 -16.28 -12.85 1.48
CA ARG B 479 -15.03 -13.61 1.54
C ARG B 479 -14.34 -13.29 2.87
N ASN B 480 -13.50 -14.23 3.31
CA ASN B 480 -12.67 -14.06 4.48
C ASN B 480 -11.33 -14.69 4.19
N GLU B 481 -10.44 -14.73 5.20
CA GLU B 481 -9.07 -15.19 4.95
C GLU B 481 -8.93 -16.70 4.91
N THR B 482 -10.02 -17.44 5.07
CA THR B 482 -10.00 -18.84 4.64
C THR B 482 -9.96 -18.94 3.14
N HIS B 483 -10.57 -17.99 2.46
CA HIS B 483 -10.52 -17.93 1.01
C HIS B 483 -9.18 -17.38 0.55
N PHE B 484 -8.78 -17.81 -0.63
CA PHE B 484 -7.49 -17.45 -1.23
C PHE B 484 -7.80 -17.21 -2.70
N ASP B 485 -8.43 -16.07 -3.00
CA ASP B 485 -9.00 -15.85 -4.33
C ASP B 485 -7.93 -15.57 -5.36
N ALA B 486 -6.78 -15.04 -4.95
CA ALA B 486 -5.65 -14.95 -5.86
C ALA B 486 -5.24 -16.32 -6.40
N GLY B 487 -5.40 -17.36 -5.59
CA GLY B 487 -4.99 -18.67 -6.01
C GLY B 487 -5.90 -19.28 -7.06
N ALA B 488 -7.06 -18.70 -7.24
CA ALA B 488 -7.99 -19.20 -8.27
C ALA B 488 -7.69 -18.62 -9.65
N LYS B 489 -6.57 -17.91 -9.79
CA LYS B 489 -6.09 -17.40 -11.08
C LYS B 489 -4.83 -18.18 -11.44
N PHE B 490 -4.82 -18.80 -12.63
CA PHE B 490 -3.76 -19.72 -13.06
C PHE B 490 -2.35 -19.29 -12.67
N HIS B 491 -1.99 -18.06 -13.01
CA HIS B 491 -0.60 -17.67 -12.90
C HIS B 491 -0.07 -17.67 -11.46
N VAL B 492 -0.94 -17.61 -10.46
CA VAL B 492 -0.46 -17.55 -9.07
C VAL B 492 0.04 -18.93 -8.66
N PRO B 493 -0.79 -19.98 -8.64
CA PRO B 493 -0.24 -21.32 -8.30
C PRO B 493 0.77 -21.84 -9.31
N ASN B 494 0.73 -21.42 -10.56
CA ASN B 494 1.73 -21.88 -11.52
C ASN B 494 2.93 -20.94 -11.63
N VAL B 495 3.04 -19.99 -10.72
CA VAL B 495 4.23 -19.15 -10.52
C VAL B 495 4.67 -18.56 -11.85
N THR B 496 3.74 -17.96 -12.56
CA THR B 496 4.03 -17.26 -13.81
C THR B 496 3.87 -15.77 -13.55
N PRO B 497 4.91 -14.95 -13.71
CA PRO B 497 4.77 -13.51 -13.41
C PRO B 497 3.75 -12.86 -14.34
N TYR B 498 3.18 -11.77 -13.86
CA TYR B 498 2.04 -11.16 -14.54
C TYR B 498 2.31 -9.76 -15.12
N ILE B 499 3.26 -8.99 -14.57
CA ILE B 499 3.38 -7.60 -15.05
C ILE B 499 3.69 -7.56 -16.54
N ARG B 500 4.30 -8.64 -17.05
CA ARG B 500 4.55 -8.78 -18.49
C ARG B 500 3.32 -8.52 -19.33
N TYR B 501 2.13 -8.81 -18.82
CA TYR B 501 0.93 -8.61 -19.63
C TYR B 501 0.49 -7.16 -19.63
N PHE B 502 0.64 -6.46 -18.52
CA PHE B 502 0.43 -5.02 -18.55
C PHE B 502 1.41 -4.38 -19.54
N VAL B 503 2.69 -4.74 -19.46
CA VAL B 503 3.69 -4.25 -20.41
C VAL B 503 3.28 -4.55 -21.84
N SER B 504 2.85 -5.78 -22.08
CA SER B 504 2.49 -6.22 -23.42
C SER B 504 1.33 -5.45 -23.98
N PHE B 505 0.33 -5.18 -23.14
CA PHE B 505 -0.87 -4.46 -23.65
C PHE B 505 -0.55 -3.03 -24.02
N VAL B 506 0.47 -2.43 -23.40
CA VAL B 506 0.91 -1.13 -23.86
C VAL B 506 1.80 -1.27 -25.09
N LEU B 507 2.73 -2.21 -25.01
CA LEU B 507 3.73 -2.38 -26.07
C LEU B 507 3.06 -2.74 -27.40
N GLN B 508 2.03 -3.53 -27.35
CA GLN B 508 1.48 -4.06 -28.61
C GLN B 508 0.97 -2.93 -29.49
N PHE B 509 0.49 -1.84 -28.89
CA PHE B 509 0.07 -0.70 -29.69
C PHE B 509 1.25 0.09 -30.21
N GLN B 510 2.36 0.16 -29.45
CA GLN B 510 3.56 0.75 -30.01
C GLN B 510 4.04 -0.05 -31.22
N PHE B 511 4.05 -1.37 -31.09
CA PHE B 511 4.46 -2.22 -32.20
C PHE B 511 3.51 -2.05 -33.40
N HIS B 512 2.21 -2.07 -33.13
CA HIS B 512 1.20 -1.95 -34.19
C HIS B 512 1.40 -0.66 -34.97
N GLU B 513 1.59 0.46 -34.26
CA GLU B 513 1.82 1.72 -34.95
C GLU B 513 3.04 1.66 -35.85
N ALA B 514 4.13 1.08 -35.35
CA ALA B 514 5.37 1.05 -36.15
C ALA B 514 5.25 0.15 -37.38
N LEU B 515 4.61 -1.01 -37.22
CA LEU B 515 4.45 -1.94 -38.35
C LEU B 515 3.48 -1.42 -39.38
N CYS B 516 2.42 -0.75 -38.94
CA CYS B 516 1.50 -0.12 -39.89
C CYS B 516 2.18 0.97 -40.69
N LYS B 517 3.01 1.78 -40.04
CA LYS B 517 3.77 2.77 -40.76
C LYS B 517 4.74 2.11 -41.74
N GLU B 518 5.40 1.05 -41.31
CA GLU B 518 6.37 0.37 -42.16
C GLU B 518 5.65 -0.25 -43.36
N ALA B 519 4.42 -0.71 -43.18
CA ALA B 519 3.62 -1.31 -44.24
C ALA B 519 3.11 -0.28 -45.23
N GLY B 520 3.29 1.00 -44.96
CA GLY B 520 2.78 2.03 -45.85
C GLY B 520 1.34 2.37 -45.63
N TYR B 521 0.74 1.96 -44.51
CA TYR B 521 -0.67 2.24 -44.26
C TYR B 521 -0.83 3.68 -43.78
N GLU B 522 -1.80 4.40 -44.35
CA GLU B 522 -1.96 5.82 -44.08
C GLU B 522 -3.37 6.20 -43.64
N GLY B 523 -4.12 5.27 -43.09
CA GLY B 523 -5.44 5.56 -42.55
C GLY B 523 -5.45 5.50 -41.04
N PRO B 524 -6.65 5.51 -40.44
CA PRO B 524 -6.75 5.45 -38.98
C PRO B 524 -6.08 4.20 -38.44
N LEU B 525 -5.37 4.36 -37.33
CA LEU B 525 -4.56 3.28 -36.81
C LEU B 525 -5.39 2.03 -36.52
N HIS B 526 -6.62 2.21 -36.07
CA HIS B 526 -7.46 1.07 -35.70
C HIS B 526 -8.05 0.34 -36.91
N GLN B 527 -7.84 0.84 -38.13
CA GLN B 527 -8.25 0.13 -39.32
C GLN B 527 -7.08 -0.47 -40.08
N CYS B 528 -5.88 -0.34 -39.57
CA CYS B 528 -4.71 -0.91 -40.20
C CYS B 528 -4.77 -2.44 -40.16
N ASP B 529 -4.39 -3.07 -41.27
CA ASP B 529 -4.20 -4.52 -41.36
C ASP B 529 -2.88 -4.75 -42.06
N ILE B 530 -1.90 -5.33 -41.35
CA ILE B 530 -0.58 -5.53 -41.94
C ILE B 530 -0.49 -6.84 -42.73
N TYR B 531 -1.61 -7.53 -42.87
CA TYR B 531 -1.65 -8.76 -43.65
C TYR B 531 -0.93 -8.60 -44.98
N ARG B 532 -0.06 -9.56 -45.29
CA ARG B 532 0.69 -9.64 -46.55
C ARG B 532 1.74 -8.54 -46.72
N SER B 533 2.06 -7.79 -45.66
CA SER B 533 3.10 -6.78 -45.74
C SER B 533 4.44 -7.41 -45.41
N THR B 534 5.24 -7.69 -46.45
CA THR B 534 6.55 -8.28 -46.17
C THR B 534 7.50 -7.27 -45.54
N LYS B 535 7.27 -5.97 -45.79
CA LYS B 535 8.08 -4.94 -45.10
C LYS B 535 7.81 -4.93 -43.61
N ALA B 536 6.53 -5.02 -43.22
CA ALA B 536 6.24 -5.16 -41.79
C ALA B 536 6.83 -6.43 -41.23
N GLY B 537 6.72 -7.53 -41.98
CA GLY B 537 7.27 -8.78 -41.50
C GLY B 537 8.77 -8.70 -41.25
N ALA B 538 9.48 -8.01 -42.14
CA ALA B 538 10.94 -7.90 -41.99
C ALA B 538 11.29 -7.07 -40.77
N LYS B 539 10.48 -6.05 -40.48
CA LYS B 539 10.76 -5.24 -39.31
C LYS B 539 10.49 -6.02 -38.01
N LEU B 540 9.39 -6.77 -37.98
CA LEU B 540 9.13 -7.63 -36.82
C LEU B 540 10.18 -8.70 -36.68
N ARG B 541 10.64 -9.25 -37.82
CA ARG B 541 11.62 -10.33 -37.77
C ARG B 541 12.91 -9.87 -37.08
N LYS B 542 13.31 -8.62 -37.30
CA LYS B 542 14.51 -8.11 -36.63
C LYS B 542 14.38 -8.15 -35.11
N VAL B 543 13.19 -7.82 -34.59
CA VAL B 543 12.98 -7.95 -33.15
C VAL B 543 13.08 -9.40 -32.73
N LEU B 544 12.38 -10.30 -33.44
CA LEU B 544 12.33 -11.69 -33.01
C LEU B 544 13.71 -12.33 -33.02
N ARG B 545 14.51 -12.02 -34.03
CA ARG B 545 15.82 -12.66 -34.15
C ARG B 545 16.84 -12.16 -33.11
N ALA B 546 16.58 -11.02 -32.49
CA ALA B 546 17.51 -10.48 -31.49
C ALA B 546 17.44 -11.21 -30.16
N GLY B 547 16.33 -11.89 -29.86
CA GLY B 547 16.20 -12.52 -28.57
C GLY B 547 16.44 -11.52 -27.46
N SER B 548 17.19 -11.96 -26.46
CA SER B 548 17.66 -11.07 -25.39
C SER B 548 19.12 -10.70 -25.58
N SER B 549 19.62 -10.77 -26.80
CA SER B 549 21.02 -10.43 -27.06
C SER B 549 21.32 -8.97 -26.79
N ARG B 550 20.31 -8.11 -26.75
CA ARG B 550 20.48 -6.68 -26.57
C ARG B 550 19.44 -6.13 -25.62
N PRO B 551 19.77 -5.05 -24.91
CA PRO B 551 18.79 -4.48 -23.98
C PRO B 551 17.52 -4.09 -24.70
N TRP B 552 16.39 -4.33 -24.03
CA TRP B 552 15.11 -4.15 -24.67
C TRP B 552 14.87 -2.69 -25.08
N GLN B 553 15.45 -1.75 -24.35
CA GLN B 553 15.27 -0.34 -24.69
C GLN B 553 15.86 -0.02 -26.05
N GLU B 554 17.00 -0.64 -26.38
CA GLU B 554 17.61 -0.44 -27.69
C GLU B 554 16.86 -1.16 -28.79
N VAL B 555 16.36 -2.36 -28.50
CA VAL B 555 15.54 -3.07 -29.48
C VAL B 555 14.27 -2.30 -29.78
N LEU B 556 13.63 -1.74 -28.75
CA LEU B 556 12.43 -0.95 -28.96
C LEU B 556 12.71 0.29 -29.78
N LYS B 557 13.82 0.97 -29.48
CA LYS B 557 14.20 2.16 -30.24
C LYS B 557 14.36 1.84 -31.73
N ASP B 558 15.05 0.75 -32.05
CA ASP B 558 15.21 0.35 -33.43
C ASP B 558 13.87 0.10 -34.10
N MET B 559 12.89 -0.43 -33.37
CA MET B 559 11.63 -0.82 -33.98
C MET B 559 10.68 0.36 -34.09
N VAL B 560 10.53 1.15 -33.03
CA VAL B 560 9.46 2.15 -32.95
C VAL B 560 9.99 3.57 -32.84
N GLY B 561 11.29 3.77 -32.64
CA GLY B 561 11.85 5.10 -32.56
C GLY B 561 11.89 5.69 -31.18
N LEU B 562 11.55 4.92 -30.15
CA LEU B 562 11.53 5.40 -28.76
C LEU B 562 12.13 4.30 -27.89
N ASP B 563 12.87 4.69 -26.85
CA ASP B 563 13.55 3.70 -26.01
C ASP B 563 12.77 3.40 -24.73
N ALA B 564 11.46 3.58 -24.73
CA ALA B 564 10.66 3.43 -23.51
C ALA B 564 9.25 3.03 -23.85
N LEU B 565 8.59 2.42 -22.86
CA LEU B 565 7.16 2.19 -22.94
C LEU B 565 6.44 3.52 -23.03
N ASP B 566 5.38 3.58 -23.83
CA ASP B 566 4.70 4.85 -24.10
C ASP B 566 3.23 4.52 -24.33
N ALA B 567 2.34 5.22 -23.64
CA ALA B 567 0.91 4.95 -23.79
C ALA B 567 0.30 5.68 -24.99
N GLN B 568 1.02 6.60 -25.62
CA GLN B 568 0.40 7.39 -26.68
C GLN B 568 -0.14 6.53 -27.82
N PRO B 569 0.53 5.50 -28.31
CA PRO B 569 -0.08 4.72 -29.41
C PRO B 569 -1.40 4.10 -29.03
N LEU B 570 -1.51 3.55 -27.80
CA LEU B 570 -2.79 3.02 -27.35
C LEU B 570 -3.84 4.11 -27.28
N LEU B 571 -3.47 5.28 -26.74
CA LEU B 571 -4.44 6.37 -26.66
C LEU B 571 -4.90 6.79 -28.06
N LYS B 572 -3.96 6.87 -29.01
CA LYS B 572 -4.30 7.27 -30.38
C LYS B 572 -5.24 6.25 -31.02
N TYR B 573 -4.96 4.99 -30.78
CA TYR B 573 -5.81 3.92 -31.32
C TYR B 573 -7.25 4.09 -30.86
N PHE B 574 -7.45 4.36 -29.56
CA PHE B 574 -8.79 4.39 -28.97
C PHE B 574 -9.41 5.77 -28.93
N GLN B 575 -8.74 6.79 -29.47
CA GLN B 575 -9.17 8.17 -29.28
C GLN B 575 -10.66 8.39 -29.55
N LEU B 576 -11.19 7.84 -30.64
CA LEU B 576 -12.58 8.14 -31.01
C LEU B 576 -13.55 7.64 -29.94
N VAL B 577 -13.33 6.43 -29.44
CA VAL B 577 -14.25 5.88 -28.45
C VAL B 577 -13.96 6.43 -27.05
N THR B 578 -12.72 6.82 -26.78
CA THR B 578 -12.45 7.54 -25.55
C THR B 578 -13.30 8.79 -25.44
N GLN B 579 -13.32 9.60 -26.51
CA GLN B 579 -14.14 10.80 -26.51
C GLN B 579 -15.62 10.45 -26.47
N TRP B 580 -16.04 9.43 -27.20
CA TRP B 580 -17.46 9.06 -27.24
C TRP B 580 -17.95 8.57 -25.88
N LEU B 581 -17.16 7.73 -25.20
CA LEU B 581 -17.59 7.26 -23.89
C LEU B 581 -17.69 8.41 -22.88
N GLN B 582 -16.73 9.34 -22.93
CA GLN B 582 -16.79 10.51 -22.07
C GLN B 582 -18.09 11.24 -22.28
N GLU B 583 -18.41 11.55 -23.54
CA GLU B 583 -19.63 12.29 -23.85
C GLU B 583 -20.85 11.52 -23.38
N GLN B 584 -20.91 10.23 -23.68
CA GLN B 584 -22.08 9.43 -23.30
C GLN B 584 -22.27 9.43 -21.78
N ASN B 585 -21.21 9.19 -21.04
CA ASN B 585 -21.32 9.13 -19.58
C ASN B 585 -21.78 10.48 -19.03
N GLN B 586 -21.27 11.58 -19.59
CA GLN B 586 -21.70 12.90 -19.14
C GLN B 586 -23.18 13.10 -19.38
N GLN B 587 -23.65 12.76 -20.59
CA GLN B 587 -25.07 12.94 -20.92
C GLN B 587 -25.96 12.04 -20.07
N ASN B 588 -25.48 10.85 -19.72
CA ASN B 588 -26.24 9.94 -18.88
C ASN B 588 -26.13 10.28 -17.40
N GLY B 589 -25.34 11.28 -17.05
CA GLY B 589 -25.18 11.65 -15.65
C GLY B 589 -24.48 10.61 -14.81
N GLU B 590 -23.54 9.88 -15.39
CA GLU B 590 -22.87 8.84 -14.65
C GLU B 590 -21.92 9.43 -13.62
N VAL B 591 -21.74 8.70 -12.53
CA VAL B 591 -20.63 8.94 -11.61
C VAL B 591 -19.46 8.07 -12.07
N LEU B 592 -18.32 8.70 -12.38
CA LEU B 592 -17.13 7.95 -12.71
C LEU B 592 -16.53 7.40 -11.41
N GLY B 593 -16.14 6.16 -11.44
CA GLY B 593 -15.62 5.53 -10.24
C GLY B 593 -16.71 4.85 -9.43
N TRP B 594 -16.32 4.48 -8.20
CA TRP B 594 -17.19 3.68 -7.34
C TRP B 594 -17.08 4.21 -5.91
N PRO B 595 -17.66 5.38 -5.65
CA PRO B 595 -17.51 5.99 -4.32
C PRO B 595 -18.18 5.18 -3.24
N GLU B 596 -19.19 4.36 -3.55
CA GLU B 596 -19.75 3.44 -2.54
C GLU B 596 -18.90 2.17 -2.51
N TYR B 597 -17.65 2.34 -2.06
CA TYR B 597 -16.61 1.33 -2.15
C TYR B 597 -16.91 0.13 -1.23
N GLN B 598 -17.77 0.30 -0.26
CA GLN B 598 -18.12 -0.76 0.67
C GLN B 598 -19.25 -1.64 0.16
N TRP B 599 -19.90 -1.24 -0.92
CA TRP B 599 -21.10 -1.94 -1.36
C TRP B 599 -20.79 -3.33 -1.89
N HIS B 600 -21.66 -4.28 -1.54
CA HIS B 600 -21.67 -5.63 -2.08
C HIS B 600 -23.11 -6.01 -2.41
N PRO B 601 -23.32 -6.82 -3.45
CA PRO B 601 -24.69 -7.18 -3.81
C PRO B 601 -25.31 -8.11 -2.78
N PRO B 602 -26.63 -8.10 -2.64
CA PRO B 602 -27.28 -9.12 -1.82
C PRO B 602 -27.15 -10.49 -2.48
N LEU B 603 -27.46 -11.50 -1.69
CA LEU B 603 -27.57 -12.84 -2.26
C LEU B 603 -28.93 -13.03 -2.93
N PRO B 604 -28.99 -13.83 -3.98
CA PRO B 604 -30.32 -14.29 -4.47
C PRO B 604 -31.13 -14.92 -3.35
N ASP B 605 -32.45 -14.78 -3.45
CA ASP B 605 -33.32 -15.21 -2.36
C ASP B 605 -33.20 -16.71 -2.13
N ASN B 606 -33.02 -17.48 -3.19
CA ASN B 606 -32.94 -18.93 -3.06
C ASN B 606 -31.52 -19.42 -3.31
N TYR B 607 -30.53 -18.80 -2.65
CA TYR B 607 -29.16 -19.22 -2.95
C TYR B 607 -28.71 -20.26 -1.94
N PRO B 608 -28.08 -21.37 -2.39
CA PRO B 608 -27.83 -21.81 -3.77
C PRO B 608 -28.83 -22.87 -4.24
N GLU B 609 -30.06 -22.82 -3.73
CA GLU B 609 -31.07 -23.84 -4.02
C GLU B 609 -31.39 -23.86 -5.52
#